data_9CHV
#
_entry.id   9CHV
#
_cell.length_a   1.00
_cell.length_b   1.00
_cell.length_c   1.00
_cell.angle_alpha   90.00
_cell.angle_beta   90.00
_cell.angle_gamma   90.00
#
_symmetry.space_group_name_H-M   'P 1'
#
loop_
_entity.id
_entity.type
_entity.pdbx_description
1 polymer 'Beta-2 adrenergic receptor,Calcineurin subunit B type 1'
2 polymer 'Protein phosphatase 3 catalytic subunit alpha'
3 polymer 'Peptidyl-prolyl cis-trans isomerase FKBP1A'
4 non-polymer 8-DEETHYL-8-[BUT-3-ENYL]-ASCOMYCIN
#
loop_
_entity_poly.entity_id
_entity_poly.type
_entity_poly.pdbx_seq_one_letter_code
_entity_poly.pdbx_strand_id
1 'polypeptide(L)'
;DEVWVVGMGIVMSLIVLAIVFGNVLVITAIAKFERLQTVTNYFITSLACADLVMGLAVVPFGAAHILMKMWTFGNFWCEF
WTSIDVLCVTASIETLCVIAVDRYFAITSPFKYQSLLTKNKARVIILMVWIVSGLTSFLPIQMHWYRATHQEAINCYAEE
TCCDFFTNQAYAIASSIVSFYVPLVIMVFVYSRVFQEAKRQLDADEIKRLGKRFKKLDLDNSGSLSVEEFMSLPELQQNP
LVQRVIDIFDTDGNGEVDFKEFIEGVSQFSVKGDKEQKLRFAFRIYDMDKDGYISNGELFQVLKMMVGNNLKDTQLQQIV
DKTIINADKDGDGRISFEEFCAVVGGLDIHKKMVVDVKFCLKEHKALKTLGIIMGTFTLCWLPFFIVNIVHVIQDNLIRK
EVYILLNWIGYVNSGFNPLIYCRSPDFRIAFQELLCLRRDDLKAYGNGY
;
A
2 'polypeptide(L)'
;SEPKAIDPKLSTTDRVVKAVPFPPSHRLTAKEVFDNDGKPRVDILKAHLMKEGRLEESVALRIITEGASILRQEKNLLDI
DAPVTVCGDIHGQFFDLMKLFEVGGSPANTRYLFLGDYVDRGYFSIECVLYLWALKILYPKTLFLLRGNHECRHLTEYFT
FKQECKIKYSERVYDACMDAFDCLPLAALMNQQFLCVHGGLSPEINTLDDIRKLDRFKEPPAYGPMCDILWSDPLEDFGN
EKTQEHFTHNTVRGCSYFYSYPAVCDFLQHNNLLSILRAHEAQDAGYRMYRKSQTTGFPSLITIFSAPNYLDVYNNKAAV
LKYENNVMNIRQFNCSPHPYWLPNFMDVFTWSLPFVGEKVTEMLVNVLNI
;
B
3 'polypeptide(L)'
;MGVQVETISPGDGRTFPKRGQTCVVHYTGMLEDGKKFDSSRDRNKPFKFMLGKQEVIRGWEEGVAQMSVGQRAKLTISPD
YAYGATGHPGIIPPHATLVFDVELLKLE
;
C
#
# COMPACT_ATOMS: atom_id res chain seq x y z
N TRP A 4 37.42 52.36 3.73
CA TRP A 4 37.22 53.80 3.77
C TRP A 4 35.75 54.15 3.93
N VAL A 5 35.09 54.44 2.81
CA VAL A 5 33.65 54.84 2.83
C VAL A 5 32.92 53.82 1.98
N VAL A 6 33.14 53.85 0.66
CA VAL A 6 32.36 52.96 -0.24
C VAL A 6 32.62 51.49 0.13
N GLY A 7 33.87 51.10 0.37
CA GLY A 7 34.21 49.69 0.70
C GLY A 7 33.63 49.26 2.04
N MET A 8 33.67 50.10 3.07
CA MET A 8 33.17 49.62 4.38
C MET A 8 31.65 49.50 4.25
N GLY A 9 31.09 50.39 3.43
CA GLY A 9 29.66 50.28 3.17
C GLY A 9 29.39 48.96 2.50
N ILE A 10 30.29 48.51 1.63
CA ILE A 10 30.11 47.22 0.90
C ILE A 10 30.06 46.08 1.91
N VAL A 11 30.93 46.09 2.92
CA VAL A 11 30.94 45.02 3.97
C VAL A 11 29.59 45.05 4.68
N MET A 12 29.16 46.25 5.07
CA MET A 12 27.88 46.20 5.83
C MET A 12 26.73 45.72 4.93
N SER A 13 26.73 46.13 3.67
CA SER A 13 25.61 45.77 2.75
C SER A 13 25.60 44.27 2.53
N LEU A 14 26.79 43.68 2.42
CA LEU A 14 26.89 42.20 2.26
C LEU A 14 26.34 41.56 3.54
N ILE A 15 26.64 42.18 4.69
CA ILE A 15 26.27 41.60 6.01
C ILE A 15 24.76 41.45 6.07
N VAL A 16 24.06 42.51 5.71
CA VAL A 16 22.59 42.39 5.89
C VAL A 16 22.20 41.27 4.96
N LEU A 17 22.82 41.30 3.79
CA LEU A 17 22.35 40.30 2.80
C LEU A 17 22.59 38.91 3.38
N ALA A 18 23.78 38.64 3.91
CA ALA A 18 24.08 37.26 4.36
C ALA A 18 23.18 36.88 5.53
N ILE A 19 22.98 37.76 6.49
CA ILE A 19 22.19 37.33 7.68
C ILE A 19 20.80 36.97 7.16
N VAL A 20 20.26 37.83 6.29
CA VAL A 20 18.86 37.60 5.82
C VAL A 20 18.88 36.26 5.11
N PHE A 21 19.84 36.05 4.23
CA PHE A 21 19.93 34.78 3.45
C PHE A 21 19.91 33.54 4.35
N GLY A 22 20.93 33.37 5.20
CA GLY A 22 21.06 32.16 6.06
C GLY A 22 19.95 31.98 7.06
N ASN A 23 19.54 33.06 7.68
CA ASN A 23 18.40 32.99 8.63
C ASN A 23 17.16 32.51 7.87
N VAL A 24 17.10 32.76 6.55
CA VAL A 24 15.88 32.42 5.77
C VAL A 24 15.96 30.95 5.32
N LEU A 25 17.00 30.59 4.60
CA LEU A 25 17.16 29.20 4.09
C LEU A 25 16.72 28.18 5.15
N VAL A 26 17.10 28.35 6.43
CA VAL A 26 16.66 27.29 7.39
C VAL A 26 15.14 27.36 7.48
N ILE A 27 14.60 28.58 7.44
CA ILE A 27 13.14 28.69 7.63
C ILE A 27 12.52 27.89 6.49
N THR A 28 13.07 28.11 5.31
CA THR A 28 12.49 27.46 4.12
C THR A 28 12.57 25.95 4.29
N ALA A 29 13.72 25.38 4.64
CA ALA A 29 13.80 23.90 4.70
C ALA A 29 12.84 23.36 5.76
N ILE A 30 12.78 24.00 6.94
CA ILE A 30 11.91 23.38 7.97
C ILE A 30 10.47 23.39 7.45
N ALA A 31 10.04 24.52 6.90
CA ALA A 31 8.61 24.57 6.50
C ALA A 31 8.34 23.58 5.37
N LYS A 32 9.27 23.47 4.42
CA LYS A 32 9.07 22.64 3.21
C LYS A 32 8.89 21.13 3.29
N PHE A 33 9.68 20.46 4.12
CA PHE A 33 9.60 19.01 4.08
C PHE A 33 8.78 18.79 5.35
N GLU A 34 8.24 17.59 5.49
CA GLU A 34 7.53 17.17 6.68
C GLU A 34 8.32 16.18 7.51
N ARG A 35 9.52 15.79 7.07
CA ARG A 35 10.37 14.90 7.85
C ARG A 35 11.18 15.63 8.91
N LEU A 36 11.21 16.97 8.86
CA LEU A 36 11.98 17.76 9.80
C LEU A 36 11.14 18.31 10.95
N GLN A 37 9.86 17.93 11.06
CA GLN A 37 8.98 18.47 12.08
C GLN A 37 9.17 17.75 13.42
N THR A 38 10.43 17.66 13.83
CA THR A 38 10.77 17.05 15.11
C THR A 38 10.48 18.01 16.25
N VAL A 39 10.66 17.53 17.49
CA VAL A 39 10.39 18.40 18.68
C VAL A 39 11.55 19.38 18.88
N THR A 40 12.73 19.11 18.32
CA THR A 40 13.91 20.01 18.44
C THR A 40 14.21 20.64 17.08
N ASN A 41 13.17 20.93 16.29
CA ASN A 41 13.35 21.68 15.02
C ASN A 41 12.38 22.87 15.00
N TYR A 42 11.54 23.05 16.02
CA TYR A 42 10.81 24.34 16.19
C TYR A 42 11.61 25.35 17.03
N PHE A 43 12.31 24.88 18.06
CA PHE A 43 13.15 25.80 18.81
C PHE A 43 14.29 26.27 17.90
N ILE A 44 14.82 25.42 17.04
CA ILE A 44 15.84 25.98 16.10
C ILE A 44 15.19 27.04 15.20
N THR A 45 13.95 26.87 14.78
CA THR A 45 13.30 27.98 14.02
C THR A 45 13.16 29.25 14.88
N SER A 46 12.93 29.20 16.20
CA SER A 46 12.83 30.49 16.95
C SER A 46 14.17 31.17 16.91
N LEU A 47 15.23 30.41 17.06
CA LEU A 47 16.53 31.10 16.94
C LEU A 47 16.66 31.70 15.55
N ALA A 48 16.32 31.01 14.49
CA ALA A 48 16.54 31.73 13.20
C ALA A 48 15.71 33.01 13.14
N CYS A 49 14.47 33.01 13.64
CA CYS A 49 13.61 34.22 13.51
C CYS A 49 14.08 35.36 14.39
N ALA A 50 14.58 35.10 15.58
CA ALA A 50 15.14 36.27 16.30
C ALA A 50 16.44 36.57 15.63
N ASP A 51 16.71 35.83 14.59
CA ASP A 51 17.88 36.21 13.80
C ASP A 51 17.48 36.97 12.51
N LEU A 52 16.19 37.08 12.19
CA LEU A 52 15.78 37.93 11.05
C LEU A 52 15.51 39.28 11.67
N VAL A 53 14.85 39.24 12.81
CA VAL A 53 14.49 40.59 13.36
C VAL A 53 15.76 41.43 13.56
N MET A 54 16.84 40.85 14.02
CA MET A 54 18.09 41.58 14.26
C MET A 54 18.84 41.36 12.98
N GLY A 55 18.12 40.84 12.02
CA GLY A 55 18.75 40.66 10.71
C GLY A 55 18.43 41.87 9.85
N LEU A 56 17.35 42.60 10.20
CA LEU A 56 16.92 43.81 9.42
C LEU A 56 16.63 45.14 10.11
N ALA A 57 15.71 45.15 11.04
CA ALA A 57 15.43 46.45 11.63
C ALA A 57 16.72 46.86 12.38
N VAL A 58 17.27 46.06 13.30
CA VAL A 58 18.39 46.55 14.19
C VAL A 58 19.78 46.59 13.58
N VAL A 59 20.14 45.69 12.70
CA VAL A 59 21.55 45.75 12.27
C VAL A 59 21.78 46.97 11.42
N PRO A 60 20.93 47.26 10.41
CA PRO A 60 21.26 48.37 9.48
C PRO A 60 21.03 49.78 10.02
N PHE A 61 20.03 49.96 10.86
CA PHE A 61 19.97 51.33 11.43
C PHE A 61 21.29 51.66 12.14
N GLY A 62 21.89 50.70 12.83
CA GLY A 62 23.12 51.11 13.54
C GLY A 62 24.10 51.45 12.48
N ALA A 63 23.89 50.73 11.40
CA ALA A 63 24.80 50.98 10.29
C ALA A 63 24.70 52.44 9.83
N ALA A 64 23.52 53.02 9.84
CA ALA A 64 23.55 54.43 9.42
C ALA A 64 24.46 55.24 10.35
N HIS A 65 24.45 54.94 11.65
CA HIS A 65 25.18 55.82 12.59
C HIS A 65 26.69 55.85 12.42
N ILE A 66 27.28 54.87 11.74
CA ILE A 66 28.77 54.72 11.62
C ILE A 66 29.45 56.10 11.38
N LEU A 67 29.06 56.89 10.36
CA LEU A 67 29.72 58.14 10.00
C LEU A 67 28.78 59.31 9.70
N MET A 68 27.47 59.09 9.66
CA MET A 68 26.56 60.20 9.37
C MET A 68 26.40 61.10 10.59
N LYS A 69 26.88 60.66 11.76
CA LYS A 69 27.04 61.51 12.94
C LYS A 69 25.71 61.88 13.56
N MET A 70 24.61 61.45 12.95
CA MET A 70 23.31 61.73 13.59
C MET A 70 22.25 60.93 12.84
N TRP A 71 21.19 60.57 13.54
CA TRP A 71 20.16 59.74 12.90
C TRP A 71 18.93 60.60 12.72
N THR A 72 18.45 60.65 11.49
CA THR A 72 17.31 61.54 11.21
C THR A 72 16.05 60.77 11.57
N PHE A 73 16.16 59.46 11.80
CA PHE A 73 14.93 58.80 12.26
C PHE A 73 14.46 59.68 13.42
N GLY A 74 15.40 60.18 14.24
CA GLY A 74 15.04 61.14 15.30
C GLY A 74 14.53 60.51 16.57
N ASN A 75 14.21 61.31 17.59
CA ASN A 75 13.83 60.78 18.92
C ASN A 75 12.49 60.06 18.83
N PHE A 76 11.77 60.29 17.72
CA PHE A 76 10.40 59.71 17.61
C PHE A 76 10.50 58.21 17.80
N TRP A 77 11.63 57.63 17.43
CA TRP A 77 11.74 56.18 17.68
C TRP A 77 13.22 55.83 17.80
N CYS A 78 14.13 56.81 17.89
CA CYS A 78 15.56 56.40 17.87
C CYS A 78 15.82 55.70 19.16
N GLU A 79 15.10 56.04 20.19
CA GLU A 79 15.45 55.27 21.38
C GLU A 79 14.77 53.93 21.18
N PHE A 80 13.70 53.90 20.39
CA PHE A 80 12.98 52.63 20.19
C PHE A 80 13.98 51.58 19.70
N TRP A 81 14.94 51.98 18.88
CA TRP A 81 15.85 50.97 18.31
C TRP A 81 16.46 50.33 19.51
N THR A 82 16.73 51.14 20.52
CA THR A 82 17.43 50.52 21.66
C THR A 82 16.56 49.39 22.19
N SER A 83 15.26 49.52 22.21
CA SER A 83 14.52 48.32 22.69
C SER A 83 14.72 47.15 21.77
N ILE A 84 14.37 47.31 20.51
CA ILE A 84 14.49 46.07 19.72
C ILE A 84 15.90 45.50 19.86
N ASP A 85 16.96 46.29 19.98
CA ASP A 85 18.25 45.57 20.13
C ASP A 85 18.24 44.77 21.42
N VAL A 86 17.83 45.34 22.54
CA VAL A 86 17.97 44.48 23.74
C VAL A 86 16.91 43.40 23.86
N LEU A 87 16.05 43.24 22.86
CA LEU A 87 15.22 42.03 22.78
C LEU A 87 15.72 41.13 21.70
N CYS A 88 16.97 41.32 21.44
CA CYS A 88 17.54 40.28 20.61
C CYS A 88 18.56 39.49 21.42
N VAL A 89 19.50 40.08 22.10
CA VAL A 89 20.37 39.18 22.86
C VAL A 89 19.51 38.47 23.88
N THR A 90 18.62 39.10 24.62
CA THR A 90 17.88 38.39 25.73
C THR A 90 16.89 37.32 25.29
N ALA A 91 16.50 37.21 24.03
CA ALA A 91 15.77 36.03 23.62
C ALA A 91 16.71 35.02 23.09
N SER A 92 17.61 35.47 22.30
CA SER A 92 18.41 34.37 21.82
C SER A 92 18.99 33.68 23.06
N ILE A 93 19.50 34.34 24.10
CA ILE A 93 20.08 33.48 25.19
C ILE A 93 19.04 32.61 25.87
N GLU A 94 17.83 33.09 26.16
CA GLU A 94 16.85 32.12 26.74
C GLU A 94 16.48 30.95 25.80
N THR A 95 16.27 31.15 24.50
CA THR A 95 16.06 29.94 23.64
C THR A 95 17.31 29.06 23.65
N LEU A 96 18.54 29.57 23.63
CA LEU A 96 19.65 28.60 23.70
C LEU A 96 19.57 27.86 25.03
N CYS A 97 19.33 28.48 26.18
CA CYS A 97 19.26 27.64 27.42
C CYS A 97 18.14 26.59 27.34
N VAL A 98 16.93 26.79 26.84
CA VAL A 98 15.95 25.63 26.79
C VAL A 98 16.53 24.40 26.06
N ILE A 99 17.04 24.62 24.84
CA ILE A 99 17.58 23.51 24.03
C ILE A 99 18.48 22.69 24.93
N ALA A 100 19.51 23.23 25.51
CA ALA A 100 20.33 22.27 26.27
C ALA A 100 19.63 21.57 27.46
N VAL A 101 18.86 22.22 28.31
CA VAL A 101 18.18 21.46 29.40
C VAL A 101 17.25 20.34 28.86
N ASP A 102 16.48 20.56 27.77
CA ASP A 102 15.64 19.49 27.16
C ASP A 102 16.47 18.39 26.48
N ARG A 103 17.54 18.69 25.79
CA ARG A 103 18.29 17.52 25.31
C ARG A 103 18.65 16.80 26.59
N TYR A 104 19.00 17.47 27.68
CA TYR A 104 19.39 16.66 28.87
C TYR A 104 18.26 15.79 29.36
N PHE A 105 17.04 16.32 29.49
CA PHE A 105 16.00 15.39 29.99
C PHE A 105 15.73 14.26 29.01
N ALA A 106 15.75 14.48 27.70
CA ALA A 106 15.51 13.29 26.85
C ALA A 106 16.59 12.25 27.07
N ILE A 107 17.88 12.59 26.90
CA ILE A 107 19.04 11.62 26.98
C ILE A 107 19.20 10.92 28.35
N THR A 108 19.10 11.58 29.49
CA THR A 108 19.30 10.84 30.75
C THR A 108 18.20 9.79 30.93
N SER A 109 16.96 10.11 30.64
CA SER A 109 15.91 9.06 30.66
C SER A 109 15.08 9.20 29.39
N PRO A 110 15.33 8.41 28.33
CA PRO A 110 14.66 8.63 27.06
C PRO A 110 13.13 8.50 27.16
N PHE A 111 12.65 7.54 27.94
CA PHE A 111 11.19 7.29 27.95
C PHE A 111 10.44 8.54 28.43
N LYS A 112 10.97 9.24 29.43
CA LYS A 112 10.18 10.34 30.02
C LYS A 112 9.88 11.42 28.98
N TYR A 113 10.87 11.88 28.23
CA TYR A 113 10.62 12.86 27.13
C TYR A 113 9.89 12.16 25.99
N GLN A 114 10.20 10.88 25.77
CA GLN A 114 9.63 10.24 24.57
C GLN A 114 8.11 10.34 24.62
N SER A 115 7.52 10.18 25.81
CA SER A 115 6.04 10.15 25.84
C SER A 115 5.40 11.30 26.61
N LEU A 116 6.10 11.93 27.55
CA LEU A 116 5.41 12.94 28.40
C LEU A 116 4.94 14.22 27.68
N LEU A 117 5.72 14.79 26.76
CA LEU A 117 5.33 16.12 26.19
C LEU A 117 5.02 16.02 24.69
N THR A 118 4.17 16.91 24.17
CA THR A 118 3.74 16.84 22.74
C THR A 118 4.03 18.17 22.05
N LYS A 119 4.08 18.16 20.72
CA LYS A 119 4.47 19.39 19.99
C LYS A 119 3.51 20.52 20.37
N ASN A 120 2.22 20.22 20.55
CA ASN A 120 1.27 21.33 20.82
C ASN A 120 1.63 22.03 22.12
N LYS A 121 2.47 21.47 23.01
CA LYS A 121 2.88 22.31 24.20
C LYS A 121 4.16 23.17 23.97
N ALA A 122 5.01 22.77 23.02
CA ALA A 122 6.29 23.46 22.74
C ALA A 122 6.10 24.88 22.22
N ARG A 123 5.12 25.05 21.35
CA ARG A 123 4.92 26.40 20.78
C ARG A 123 4.57 27.28 21.97
N VAL A 124 3.76 26.76 22.90
CA VAL A 124 3.40 27.56 24.10
C VAL A 124 4.68 27.91 24.88
N ILE A 125 5.57 26.95 25.12
CA ILE A 125 6.85 27.37 25.81
C ILE A 125 7.67 28.43 25.04
N ILE A 126 7.86 28.33 23.71
CA ILE A 126 8.66 29.37 23.01
C ILE A 126 7.96 30.75 23.07
N LEU A 127 6.63 30.76 22.95
CA LEU A 127 5.99 32.08 23.06
C LEU A 127 6.20 32.60 24.48
N MET A 128 6.17 31.71 25.45
CA MET A 128 6.43 32.09 26.85
C MET A 128 7.86 32.69 26.99
N VAL A 129 8.90 32.11 26.33
CA VAL A 129 10.29 32.70 26.36
C VAL A 129 10.45 34.08 25.76
N TRP A 130 10.01 34.34 24.55
CA TRP A 130 10.38 35.62 23.89
C TRP A 130 9.81 36.79 24.68
N ILE A 131 8.51 36.82 24.85
CA ILE A 131 7.85 38.04 25.43
C ILE A 131 8.22 38.40 26.87
N VAL A 132 8.43 37.48 27.80
CA VAL A 132 8.78 37.94 29.18
C VAL A 132 10.13 38.67 29.11
N SER A 133 11.00 38.17 28.22
CA SER A 133 12.30 38.85 28.00
C SER A 133 12.05 40.25 27.40
N GLY A 134 11.10 40.27 26.47
CA GLY A 134 10.77 41.61 25.95
C GLY A 134 10.29 42.51 27.07
N LEU A 135 9.50 42.01 28.00
CA LEU A 135 8.99 42.81 29.14
C LEU A 135 10.15 43.38 29.93
N THR A 136 11.15 42.57 30.31
CA THR A 136 12.26 43.26 31.06
C THR A 136 12.88 44.37 30.20
N SER A 137 13.20 44.03 28.94
CA SER A 137 13.90 45.09 28.17
C SER A 137 13.05 46.36 28.08
N PHE A 138 11.78 46.25 27.72
CA PHE A 138 10.96 47.47 27.52
C PHE A 138 10.83 48.29 28.82
N LEU A 139 11.15 47.72 29.96
CA LEU A 139 10.83 48.47 31.19
C LEU A 139 11.56 49.81 31.25
N PRO A 140 12.89 49.95 31.08
CA PRO A 140 13.54 51.28 31.08
C PRO A 140 13.72 51.88 29.69
N ILE A 141 13.32 51.14 28.66
CA ILE A 141 13.42 51.63 27.27
C ILE A 141 12.47 52.81 27.15
N GLN A 142 11.46 52.91 28.01
CA GLN A 142 10.61 54.12 27.99
C GLN A 142 10.68 54.82 29.35
N MET A 143 10.94 54.05 30.41
CA MET A 143 11.05 54.64 31.76
C MET A 143 12.25 55.57 31.73
N HIS A 144 13.23 55.25 30.91
CA HIS A 144 14.35 56.20 30.76
C HIS A 144 15.04 56.37 32.11
N TRP A 145 15.21 55.28 32.85
CA TRP A 145 15.93 55.35 34.16
C TRP A 145 17.36 55.83 33.86
N TYR A 146 17.85 55.53 32.66
CA TYR A 146 19.17 56.05 32.23
C TYR A 146 19.31 57.47 32.74
N CYS A 163 22.38 59.84 18.21
CA CYS A 163 21.97 58.43 18.52
C CYS A 163 23.16 57.64 19.04
N ASP A 164 23.52 57.91 20.28
CA ASP A 164 24.54 57.07 20.95
C ASP A 164 23.92 56.78 22.32
N PHE A 165 24.19 55.62 22.92
CA PHE A 165 23.49 55.26 24.18
C PHE A 165 24.38 55.41 25.41
N PHE A 166 23.90 56.06 26.46
CA PHE A 166 24.67 56.18 27.73
C PHE A 166 23.71 56.03 28.91
N THR A 167 24.22 55.62 30.09
CA THR A 167 23.42 55.54 31.34
C THR A 167 24.40 55.82 32.48
N ASN A 168 23.99 55.91 33.74
CA ASN A 168 24.96 56.30 34.76
C ASN A 168 25.64 55.09 35.38
N GLN A 169 24.92 54.30 36.19
CA GLN A 169 25.47 53.05 36.69
C GLN A 169 24.41 51.95 36.74
N ALA A 170 23.14 52.34 36.82
CA ALA A 170 22.07 51.43 37.20
C ALA A 170 21.73 50.43 36.10
N TYR A 171 21.30 50.94 34.95
CA TYR A 171 20.76 50.05 33.92
C TYR A 171 21.81 49.13 33.34
N ALA A 172 23.07 49.58 33.26
CA ALA A 172 24.14 48.70 32.81
C ALA A 172 24.30 47.51 33.75
N ILE A 173 24.30 47.78 35.05
CA ILE A 173 24.42 46.70 36.03
C ILE A 173 23.21 45.77 35.95
N ALA A 174 22.01 46.33 35.82
CA ALA A 174 20.81 45.51 35.74
C ALA A 174 20.84 44.60 34.51
N SER A 175 21.26 45.16 33.37
CA SER A 175 21.31 44.36 32.14
C SER A 175 22.38 43.28 32.24
N SER A 176 23.52 43.61 32.84
CA SER A 176 24.56 42.59 33.03
C SER A 176 24.12 41.50 33.98
N ILE A 177 23.30 41.83 34.98
CA ILE A 177 22.92 40.87 36.01
C ILE A 177 21.81 39.96 35.49
N VAL A 178 20.96 40.51 34.63
CA VAL A 178 19.96 39.57 34.05
C VAL A 178 19.98 38.62 32.84
N SER A 179 20.39 39.12 31.67
CA SER A 179 20.26 38.38 30.39
C SER A 179 21.51 37.68 29.97
N PHE A 180 22.63 38.34 30.18
CA PHE A 180 23.80 37.72 29.54
C PHE A 180 24.33 36.99 30.78
N TYR A 181 24.59 37.62 31.91
CA TYR A 181 25.23 36.76 32.95
C TYR A 181 24.40 35.56 33.46
N VAL A 182 23.15 35.88 33.75
CA VAL A 182 22.46 34.71 34.34
C VAL A 182 22.31 33.62 33.30
N PRO A 183 21.84 33.83 32.06
CA PRO A 183 21.85 32.71 31.15
C PRO A 183 23.21 32.05 30.89
N LEU A 184 24.30 32.78 30.83
CA LEU A 184 25.54 32.07 30.52
C LEU A 184 25.98 31.26 31.72
N VAL A 185 25.28 31.34 32.85
CA VAL A 185 25.56 30.27 33.90
C VAL A 185 24.79 28.89 33.75
N ILE A 186 23.45 28.74 33.67
CA ILE A 186 22.58 27.57 33.56
C ILE A 186 22.88 26.81 32.27
N MET A 187 23.03 27.54 31.15
CA MET A 187 23.20 26.89 29.86
C MET A 187 24.55 26.20 29.73
N VAL A 188 25.53 26.52 30.58
CA VAL A 188 26.85 25.92 30.51
C VAL A 188 27.06 24.89 31.62
N PHE A 189 26.02 24.62 32.41
CA PHE A 189 26.09 23.61 33.47
C PHE A 189 25.27 22.37 33.14
N VAL A 190 24.02 22.54 32.71
CA VAL A 190 23.23 21.39 32.31
C VAL A 190 23.86 20.71 31.10
N TYR A 191 24.45 21.50 30.19
CA TYR A 191 25.15 20.89 29.08
C TYR A 191 26.40 20.14 29.52
N SER A 192 27.06 20.57 30.61
CA SER A 192 28.16 19.78 31.17
C SER A 192 27.64 18.46 31.76
N ARG A 193 26.37 18.42 32.17
CA ARG A 193 25.78 17.12 32.56
C ARG A 193 25.58 16.26 31.31
N VAL A 194 24.80 16.72 30.33
CA VAL A 194 24.57 15.94 29.07
C VAL A 194 25.91 15.37 28.58
N PHE A 195 27.03 16.09 28.78
CA PHE A 195 28.34 15.51 28.40
C PHE A 195 29.08 14.63 29.37
N GLN A 196 28.73 14.67 30.66
CA GLN A 196 29.26 13.66 31.57
C GLN A 196 28.37 12.43 31.67
N GLU A 197 27.06 12.56 31.41
CA GLU A 197 26.14 11.43 31.47
C GLU A 197 25.72 10.94 30.08
N ALA A 198 26.48 11.27 29.04
CA ALA A 198 26.24 10.71 27.71
C ALA A 198 27.40 9.90 27.20
N LYS A 199 28.61 10.07 27.74
CA LYS A 199 29.73 9.22 27.38
C LYS A 199 29.70 7.88 28.09
N ARG A 200 28.87 7.73 29.12
CA ARG A 200 28.77 6.46 29.83
C ARG A 200 28.03 5.42 28.99
N GLN A 201 26.91 5.81 28.37
CA GLN A 201 26.13 4.86 27.59
C GLN A 201 26.89 4.39 26.36
N LEU A 202 27.77 5.24 25.83
CA LEU A 202 28.57 4.82 24.67
C LEU A 202 29.51 3.68 24.99
N ASP A 203 30.05 3.60 26.22
CA ASP A 203 30.88 2.48 26.65
C ASP A 203 30.36 1.99 28.00
N ALA A 204 29.30 1.16 27.99
CA ALA A 204 28.81 0.53 29.20
C ALA A 204 28.56 -0.97 28.95
N ASP A 205 29.64 -1.75 29.01
CA ASP A 205 29.56 -3.19 29.21
C ASP A 205 28.90 -3.92 28.04
N GLU A 206 28.34 -3.18 27.08
CA GLU A 206 27.55 -3.83 26.04
C GLU A 206 27.95 -3.35 24.65
N ILE A 207 28.50 -2.14 24.56
CA ILE A 207 28.97 -1.62 23.28
C ILE A 207 30.42 -2.03 23.11
N LYS A 208 30.91 -2.88 24.02
CA LYS A 208 32.19 -3.53 23.87
C LYS A 208 32.07 -4.95 23.31
N ARG A 209 30.93 -5.60 23.52
CA ARG A 209 30.67 -6.90 22.92
C ARG A 209 30.71 -6.81 21.40
N LEU A 210 30.00 -5.82 20.83
CA LEU A 210 30.00 -5.65 19.39
C LEU A 210 31.38 -5.25 18.91
N GLY A 211 32.14 -4.54 19.75
CA GLY A 211 33.52 -4.23 19.39
C GLY A 211 34.39 -5.47 19.31
N LYS A 212 34.23 -6.39 20.26
CA LYS A 212 34.96 -7.65 20.20
C LYS A 212 34.56 -8.44 18.95
N ARG A 213 33.26 -8.44 18.62
CA ARG A 213 32.83 -9.09 17.39
C ARG A 213 33.43 -8.44 16.16
N PHE A 214 33.53 -7.11 16.18
CA PHE A 214 34.14 -6.38 15.07
C PHE A 214 35.58 -6.80 14.89
N LYS A 215 36.35 -6.82 15.98
CA LYS A 215 37.75 -7.21 15.90
C LYS A 215 37.90 -8.68 15.48
N LYS A 216 36.93 -9.52 15.82
CA LYS A 216 36.97 -10.92 15.43
C LYS A 216 36.60 -11.13 13.96
N LEU A 217 35.77 -10.25 13.39
CA LEU A 217 35.20 -10.49 12.07
C LEU A 217 36.02 -9.92 10.93
N ASP A 218 36.73 -8.82 11.15
CA ASP A 218 37.45 -8.14 10.07
C ASP A 218 38.73 -8.92 9.75
N LEU A 219 38.74 -9.59 8.60
CA LEU A 219 39.94 -10.27 8.15
C LEU A 219 40.97 -9.28 7.62
N ASP A 220 40.52 -8.13 7.12
CA ASP A 220 41.42 -7.12 6.57
C ASP A 220 42.31 -6.49 7.65
N ASN A 221 41.90 -6.58 8.92
CA ASN A 221 42.64 -5.98 10.03
C ASN A 221 42.85 -4.48 9.80
N SER A 222 41.80 -3.82 9.31
CA SER A 222 41.87 -2.40 8.99
C SER A 222 40.64 -1.62 9.41
N GLY A 223 39.72 -2.21 10.17
CA GLY A 223 38.50 -1.52 10.53
C GLY A 223 37.58 -1.23 9.37
N SER A 224 37.73 -1.96 8.26
CA SER A 224 36.94 -1.71 7.06
C SER A 224 36.28 -3.02 6.64
N LEU A 225 34.98 -3.14 6.91
CA LEU A 225 34.20 -4.33 6.57
C LEU A 225 33.54 -4.10 5.21
N SER A 226 34.11 -4.67 4.16
CA SER A 226 33.54 -4.57 2.83
C SER A 226 32.53 -5.70 2.61
N VAL A 227 31.71 -5.54 1.58
CA VAL A 227 30.64 -6.52 1.31
C VAL A 227 31.26 -7.89 1.04
N GLU A 228 32.40 -7.92 0.36
CA GLU A 228 33.10 -9.17 0.14
C GLU A 228 33.51 -9.86 1.42
N GLU A 229 33.58 -9.12 2.54
CA GLU A 229 33.94 -9.71 3.82
C GLU A 229 32.74 -10.30 4.55
N PHE A 230 31.56 -9.67 4.46
CA PHE A 230 30.35 -10.31 4.98
C PHE A 230 29.94 -11.50 4.13
N MET A 231 30.25 -11.48 2.85
CA MET A 231 29.86 -12.63 2.04
C MET A 231 30.67 -13.88 2.39
N SER A 232 31.70 -13.74 3.22
CA SER A 232 32.53 -14.86 3.66
C SER A 232 31.88 -15.71 4.75
N LEU A 233 30.82 -15.23 5.39
CA LEU A 233 30.16 -16.03 6.40
C LEU A 233 29.50 -17.26 5.75
N PRO A 234 29.37 -18.36 6.50
CA PRO A 234 28.91 -19.60 5.86
C PRO A 234 27.44 -19.62 5.52
N GLU A 235 26.57 -19.18 6.43
CA GLU A 235 25.14 -19.35 6.23
C GLU A 235 24.46 -18.12 5.65
N LEU A 236 25.23 -17.16 5.16
CA LEU A 236 24.67 -15.93 4.60
C LEU A 236 24.88 -15.82 3.11
N GLN A 237 25.69 -16.68 2.50
CA GLN A 237 26.04 -16.61 1.08
C GLN A 237 24.90 -16.95 0.15
N GLN A 238 23.66 -17.12 0.62
CA GLN A 238 22.53 -17.42 -0.22
C GLN A 238 21.35 -16.47 -0.02
N ASN A 239 21.43 -15.58 0.95
CA ASN A 239 20.33 -14.67 1.23
C ASN A 239 20.05 -13.78 0.02
N PRO A 240 18.81 -13.74 -0.48
CA PRO A 240 18.54 -12.93 -1.69
C PRO A 240 18.89 -11.46 -1.53
N LEU A 241 18.62 -10.86 -0.38
CA LEU A 241 18.90 -9.44 -0.16
C LEU A 241 19.89 -9.29 0.99
N VAL A 242 21.17 -9.16 0.64
CA VAL A 242 22.19 -8.69 1.56
C VAL A 242 22.75 -7.34 1.13
N GLN A 243 22.87 -7.13 -0.19
CA GLN A 243 23.40 -5.87 -0.70
C GLN A 243 22.52 -4.70 -0.28
N ARG A 244 21.20 -4.87 -0.35
CA ARG A 244 20.31 -3.76 -0.04
C ARG A 244 20.45 -3.34 1.43
N VAL A 245 20.49 -4.30 2.34
CA VAL A 245 20.61 -3.93 3.74
C VAL A 245 21.99 -3.35 4.02
N ILE A 246 23.04 -3.92 3.42
CA ILE A 246 24.37 -3.40 3.70
C ILE A 246 24.56 -2.01 3.10
N ASP A 247 23.77 -1.66 2.07
CA ASP A 247 23.80 -0.31 1.53
C ASP A 247 22.93 0.67 2.31
N ILE A 248 21.87 0.18 2.97
CA ILE A 248 21.20 1.03 3.94
C ILE A 248 22.10 1.34 5.13
N PHE A 249 22.90 0.36 5.57
CA PHE A 249 23.87 0.63 6.62
C PHE A 249 24.94 1.61 6.18
N ASP A 250 25.26 1.62 4.88
CA ASP A 250 26.36 2.40 4.33
C ASP A 250 26.01 3.88 4.26
N THR A 251 25.81 4.52 5.41
CA THR A 251 25.38 5.91 5.43
C THR A 251 26.48 6.85 4.94
N ASP A 252 27.75 6.54 5.23
CA ASP A 252 28.86 7.39 4.81
C ASP A 252 29.06 7.40 3.29
N GLY A 253 28.40 6.50 2.56
CA GLY A 253 28.39 6.56 1.11
C GLY A 253 29.71 6.35 0.42
N ASN A 254 30.47 5.34 0.84
CA ASN A 254 31.72 5.00 0.17
C ASN A 254 31.84 3.54 -0.22
N GLY A 255 30.90 2.68 0.19
CA GLY A 255 30.89 1.30 -0.22
C GLY A 255 31.39 0.30 0.80
N GLU A 256 31.77 0.75 2.00
CA GLU A 256 32.22 -0.15 3.05
C GLU A 256 31.64 0.30 4.38
N VAL A 257 31.58 -0.62 5.34
CA VAL A 257 31.00 -0.37 6.65
C VAL A 257 32.15 -0.22 7.65
N ASP A 258 32.05 0.79 8.51
CA ASP A 258 32.99 1.00 9.59
C ASP A 258 32.23 1.12 10.91
N PHE A 259 32.98 1.19 12.01
CA PHE A 259 32.37 1.06 13.33
C PHE A 259 31.49 2.25 13.67
N LYS A 260 31.80 3.43 13.11
CA LYS A 260 31.09 4.64 13.48
C LYS A 260 29.61 4.60 13.14
N GLU A 261 29.18 3.70 12.25
CA GLU A 261 27.79 3.61 11.83
C GLU A 261 27.19 2.23 12.03
N PHE A 262 28.03 1.21 12.28
CA PHE A 262 27.53 -0.14 12.53
C PHE A 262 26.66 -0.18 13.78
N ILE A 263 27.09 0.50 14.83
CA ILE A 263 26.32 0.51 16.08
C ILE A 263 24.96 1.15 15.85
N GLU A 264 24.93 2.27 15.12
CA GLU A 264 23.65 2.90 14.82
C GLU A 264 22.76 1.99 14.00
N GLY A 265 23.33 1.31 13.01
CA GLY A 265 22.54 0.40 12.19
C GLY A 265 21.92 -0.71 12.99
N VAL A 266 22.68 -1.30 13.91
CA VAL A 266 22.13 -2.37 14.74
C VAL A 266 21.10 -1.81 15.73
N SER A 267 21.40 -0.66 16.34
CA SER A 267 20.49 -0.09 17.32
C SER A 267 19.20 0.43 16.71
N GLN A 268 19.16 0.56 15.38
CA GLN A 268 17.91 0.91 14.71
C GLN A 268 16.82 -0.13 14.98
N PHE A 269 17.21 -1.35 15.34
CA PHE A 269 16.30 -2.39 15.81
C PHE A 269 16.50 -2.57 17.31
N SER A 270 15.41 -2.61 18.05
CA SER A 270 15.50 -2.87 19.49
C SER A 270 14.11 -3.27 20.00
N VAL A 271 13.99 -3.40 21.32
CA VAL A 271 12.71 -3.69 21.94
C VAL A 271 11.97 -2.42 22.37
N LYS A 272 12.69 -1.39 22.80
CA LYS A 272 12.09 -0.14 23.21
C LYS A 272 11.81 0.82 22.06
N GLY A 273 12.14 0.44 20.83
CA GLY A 273 11.89 1.31 19.70
C GLY A 273 10.40 1.43 19.41
N ASP A 274 10.06 2.43 18.61
CA ASP A 274 8.67 2.74 18.29
C ASP A 274 8.36 2.39 16.83
N LYS A 275 7.15 2.75 16.41
CA LYS A 275 6.68 2.41 15.07
C LYS A 275 7.48 3.14 13.99
N GLU A 276 7.81 4.40 14.24
CA GLU A 276 8.29 5.27 13.16
C GLU A 276 9.58 4.77 12.54
N GLN A 277 10.59 4.49 13.36
CA GLN A 277 11.90 4.14 12.81
C GLN A 277 11.87 2.78 12.12
N LYS A 278 11.19 1.81 12.72
CA LYS A 278 11.09 0.49 12.08
C LYS A 278 10.37 0.57 10.75
N LEU A 279 9.24 1.28 10.70
CA LEU A 279 8.52 1.37 9.45
C LEU A 279 9.29 2.19 8.41
N ARG A 280 10.02 3.21 8.85
CA ARG A 280 10.89 3.95 7.94
C ARG A 280 11.96 3.04 7.36
N PHE A 281 12.58 2.20 8.19
CA PHE A 281 13.59 1.28 7.68
C PHE A 281 12.99 0.29 6.70
N ALA A 282 11.78 -0.21 6.98
CA ALA A 282 11.11 -1.05 6.01
C ALA A 282 10.87 -0.30 4.70
N PHE A 283 10.59 1.00 4.79
CA PHE A 283 10.46 1.82 3.58
C PHE A 283 11.77 1.90 2.82
N ARG A 284 12.89 2.05 3.52
CA ARG A 284 14.17 2.27 2.84
C ARG A 284 14.67 1.05 2.09
N ILE A 285 14.09 -0.13 2.33
CA ILE A 285 14.50 -1.31 1.57
C ILE A 285 14.14 -1.14 0.10
N TYR A 286 12.94 -0.64 -0.19
CA TYR A 286 12.50 -0.50 -1.58
C TYR A 286 13.18 0.69 -2.26
N ASP A 287 13.29 1.81 -1.57
CA ASP A 287 13.90 3.01 -2.13
C ASP A 287 15.37 2.77 -2.44
N MET A 288 15.80 3.21 -3.62
CA MET A 288 17.09 2.80 -4.16
C MET A 288 18.18 3.88 -4.10
N ASP A 289 17.83 5.16 -4.18
CA ASP A 289 18.83 6.22 -4.24
C ASP A 289 18.64 7.25 -3.14
N LYS A 290 17.93 6.89 -2.08
CA LYS A 290 17.65 7.76 -0.94
C LYS A 290 16.95 9.05 -1.33
N ASP A 291 16.34 9.10 -2.52
CA ASP A 291 15.67 10.31 -2.98
C ASP A 291 14.35 10.53 -2.25
N GLY A 292 13.69 9.45 -1.82
CA GLY A 292 12.41 9.53 -1.16
C GLY A 292 11.22 9.11 -1.99
N TYR A 293 11.42 8.80 -3.27
CA TYR A 293 10.33 8.41 -4.16
C TYR A 293 10.61 7.03 -4.74
N ILE A 294 9.58 6.19 -4.76
CA ILE A 294 9.63 4.88 -5.40
C ILE A 294 9.05 5.02 -6.81
N SER A 295 9.82 4.63 -7.81
CA SER A 295 9.38 4.68 -9.19
C SER A 295 9.09 3.27 -9.68
N ASN A 296 8.61 3.19 -10.93
CA ASN A 296 8.27 1.90 -11.51
C ASN A 296 9.49 1.01 -11.64
N GLY A 297 10.62 1.56 -12.08
CA GLY A 297 11.83 0.77 -12.18
C GLY A 297 12.31 0.24 -10.85
N GLU A 298 12.20 1.06 -9.80
CA GLU A 298 12.66 0.64 -8.48
C GLU A 298 11.78 -0.48 -7.92
N LEU A 299 10.46 -0.29 -7.96
CA LEU A 299 9.51 -1.29 -7.48
C LEU A 299 9.35 -2.45 -8.44
N PHE A 300 10.07 -2.45 -9.56
CA PHE A 300 10.21 -3.66 -10.36
C PHE A 300 11.50 -4.41 -10.07
N GLN A 301 12.63 -3.69 -9.93
CA GLN A 301 13.90 -4.37 -9.69
C GLN A 301 13.96 -4.96 -8.28
N VAL A 302 13.52 -4.20 -7.28
CA VAL A 302 13.59 -4.71 -5.91
C VAL A 302 12.77 -5.97 -5.76
N LEU A 303 11.69 -6.10 -6.52
CA LEU A 303 10.81 -7.26 -6.42
C LEU A 303 11.26 -8.42 -7.31
N LYS A 304 11.80 -8.10 -8.49
CA LYS A 304 12.27 -9.13 -9.45
C LYS A 304 13.33 -10.01 -8.78
N MET A 305 14.21 -9.39 -7.99
CA MET A 305 15.29 -10.15 -7.30
C MET A 305 14.69 -11.11 -6.28
N MET A 306 13.60 -10.69 -5.61
CA MET A 306 12.99 -11.54 -4.54
C MET A 306 12.01 -12.56 -5.12
N VAL A 307 11.67 -12.47 -6.41
CA VAL A 307 10.67 -13.39 -6.93
C VAL A 307 11.30 -14.49 -7.79
N GLY A 308 12.46 -14.22 -8.36
CA GLY A 308 13.14 -15.23 -9.15
C GLY A 308 12.41 -15.51 -10.46
N ASN A 309 12.31 -16.79 -10.81
CA ASN A 309 11.74 -17.18 -12.09
C ASN A 309 10.55 -18.12 -11.94
N ASN A 310 9.64 -17.79 -11.02
CA ASN A 310 8.36 -18.49 -10.92
C ASN A 310 7.25 -17.78 -11.68
N LEU A 311 7.17 -16.46 -11.54
CA LEU A 311 6.29 -15.65 -12.36
C LEU A 311 6.96 -15.32 -13.68
N LYS A 312 6.15 -14.90 -14.66
CA LYS A 312 6.68 -14.38 -15.91
C LYS A 312 7.13 -12.94 -15.65
N ASP A 313 7.64 -12.28 -16.70
CA ASP A 313 7.98 -10.88 -16.57
C ASP A 313 6.81 -9.91 -16.79
N THR A 314 6.03 -10.14 -17.85
CA THR A 314 4.93 -9.23 -18.17
C THR A 314 3.87 -9.24 -17.08
N GLN A 315 3.63 -10.39 -16.46
CA GLN A 315 2.67 -10.43 -15.35
C GLN A 315 3.14 -9.57 -14.19
N LEU A 316 4.43 -9.65 -13.86
CA LEU A 316 4.98 -8.80 -12.81
C LEU A 316 4.82 -7.33 -13.15
N GLN A 317 5.09 -6.98 -14.41
CA GLN A 317 4.94 -5.58 -14.81
C GLN A 317 3.49 -5.13 -14.66
N GLN A 318 2.53 -5.97 -15.06
CA GLN A 318 1.12 -5.59 -14.99
C GLN A 318 0.66 -5.41 -13.55
N ILE A 319 1.04 -6.33 -12.66
CA ILE A 319 0.62 -6.18 -11.27
C ILE A 319 1.27 -4.96 -10.64
N VAL A 320 2.52 -4.66 -11.03
CA VAL A 320 3.16 -3.45 -10.52
C VAL A 320 2.42 -2.20 -10.98
N ASP A 321 2.03 -2.17 -12.26
CA ASP A 321 1.26 -1.03 -12.77
C ASP A 321 -0.02 -0.84 -11.98
N LYS A 322 -0.73 -1.94 -11.71
CA LYS A 322 -2.00 -1.82 -10.99
C LYS A 322 -1.77 -1.32 -9.57
N THR A 323 -0.73 -1.81 -8.89
CA THR A 323 -0.44 -1.32 -7.54
C THR A 323 -0.14 0.17 -7.53
N ILE A 324 0.69 0.63 -8.47
CA ILE A 324 1.03 2.06 -8.49
C ILE A 324 -0.20 2.90 -8.80
N ILE A 325 -1.02 2.46 -9.75
CA ILE A 325 -2.21 3.23 -10.11
C ILE A 325 -3.18 3.32 -8.92
N ASN A 326 -3.35 2.22 -8.19
CA ASN A 326 -4.16 2.27 -6.98
C ASN A 326 -3.47 2.99 -5.82
N ALA A 327 -2.18 3.31 -5.95
CA ALA A 327 -1.45 3.94 -4.86
C ALA A 327 -1.32 5.46 -4.99
N ASP A 328 -1.49 6.02 -6.19
CA ASP A 328 -1.32 7.45 -6.40
C ASP A 328 -2.53 8.20 -5.89
N LYS A 329 -2.30 9.15 -4.98
CA LYS A 329 -3.32 10.08 -4.54
C LYS A 329 -2.94 11.53 -4.81
N ASP A 330 -1.73 11.76 -5.32
CA ASP A 330 -1.24 13.11 -5.60
C ASP A 330 -1.11 13.43 -7.08
N GLY A 331 -1.22 12.43 -7.95
CA GLY A 331 -1.30 12.67 -9.38
C GLY A 331 0.02 12.72 -10.13
N ASP A 332 1.15 12.83 -9.43
CA ASP A 332 2.44 12.88 -10.12
C ASP A 332 2.86 11.53 -10.68
N GLY A 333 2.36 10.43 -10.11
CA GLY A 333 2.70 9.11 -10.58
C GLY A 333 3.67 8.32 -9.73
N ARG A 334 4.10 8.87 -8.58
CA ARG A 334 4.99 8.15 -7.69
C ARG A 334 4.46 8.24 -6.27
N ILE A 335 4.94 7.34 -5.43
CA ILE A 335 4.43 7.18 -4.07
C ILE A 335 5.45 7.69 -3.06
N SER A 336 4.94 8.30 -2.00
CA SER A 336 5.76 8.86 -0.92
C SER A 336 5.46 8.11 0.38
N PHE A 337 6.03 8.62 1.48
CA PHE A 337 5.96 7.90 2.74
C PHE A 337 4.55 7.90 3.32
N GLU A 338 3.83 9.02 3.20
CA GLU A 338 2.47 9.06 3.74
C GLU A 338 1.54 8.10 3.01
N GLU A 339 1.63 8.03 1.69
CA GLU A 339 0.84 7.08 0.93
C GLU A 339 1.27 5.64 1.24
N PHE A 340 2.57 5.45 1.48
CA PHE A 340 3.07 4.13 1.88
C PHE A 340 2.44 3.70 3.20
N CYS A 341 2.36 4.62 4.17
CA CYS A 341 1.70 4.31 5.44
C CYS A 341 0.21 4.06 5.23
N ALA A 342 -0.41 4.78 4.30
CA ALA A 342 -1.82 4.55 4.01
C ALA A 342 -2.05 3.15 3.46
N VAL A 343 -1.15 2.66 2.61
CA VAL A 343 -1.34 1.36 1.99
C VAL A 343 -0.96 0.23 2.95
N VAL A 344 0.24 0.30 3.54
CA VAL A 344 0.74 -0.80 4.35
C VAL A 344 0.17 -0.83 5.76
N GLY A 345 -0.14 0.32 6.35
CA GLY A 345 -0.57 0.39 7.73
C GLY A 345 -1.72 -0.54 8.08
N GLY A 346 -1.52 -1.38 9.09
CA GLY A 346 -2.48 -2.39 9.46
C GLY A 346 -2.01 -3.82 9.25
N LEU A 347 -0.74 -4.04 8.93
CA LEU A 347 -0.21 -5.38 8.75
C LEU A 347 0.66 -5.86 9.92
N ASP A 348 0.90 -5.00 10.91
CA ASP A 348 1.68 -5.35 12.09
C ASP A 348 3.07 -5.86 11.71
N ILE A 349 3.84 -4.97 11.07
CA ILE A 349 5.23 -5.27 10.74
C ILE A 349 6.19 -4.93 11.87
N HIS A 350 5.75 -4.12 12.84
CA HIS A 350 6.66 -3.68 13.89
C HIS A 350 7.06 -4.82 14.81
N LYS A 351 6.18 -5.82 14.99
CA LYS A 351 6.48 -6.94 15.86
C LYS A 351 7.31 -8.04 15.17
N LYS A 352 7.48 -7.98 13.85
CA LYS A 352 8.21 -9.03 13.17
C LYS A 352 9.70 -8.72 13.01
N MET A 353 10.15 -7.53 13.41
CA MET A 353 11.55 -7.15 13.33
C MET A 353 12.05 -6.89 14.75
N VAL A 354 12.64 -7.92 15.36
CA VAL A 354 13.13 -7.78 16.73
C VAL A 354 14.39 -8.61 16.95
N VAL A 355 15.40 -7.98 17.54
CA VAL A 355 16.62 -8.65 17.98
C VAL A 355 16.81 -8.30 19.45
N ASP A 356 17.51 -9.17 20.19
CA ASP A 356 17.61 -9.04 21.64
C ASP A 356 18.63 -8.00 22.08
N VAL A 357 19.08 -7.12 21.18
CA VAL A 357 19.98 -6.05 21.58
C VAL A 357 19.22 -5.02 22.40
N LYS A 358 19.86 -4.50 23.46
CA LYS A 358 19.21 -3.58 24.40
C LYS A 358 20.06 -2.32 24.55
N PHE A 359 19.87 -1.38 23.63
CA PHE A 359 20.35 -0.01 23.76
C PHE A 359 19.77 0.81 22.62
N CYS A 360 19.38 2.05 22.92
CA CYS A 360 18.76 2.94 21.94
C CYS A 360 19.63 4.18 21.80
N LEU A 361 20.59 4.14 20.88
CA LEU A 361 21.49 5.27 20.62
C LEU A 361 20.89 6.16 19.53
N LYS A 362 19.71 6.69 19.83
CA LYS A 362 19.03 7.62 18.93
C LYS A 362 19.14 9.07 19.39
N GLU A 363 19.16 9.30 20.70
CA GLU A 363 19.29 10.66 21.21
C GLU A 363 20.64 11.26 20.86
N HIS A 364 21.71 10.47 20.93
CA HIS A 364 23.05 10.96 20.65
C HIS A 364 23.32 11.16 19.15
N LYS A 365 22.28 11.05 18.31
CA LYS A 365 22.50 11.24 16.88
C LYS A 365 22.94 12.67 16.56
N ALA A 366 22.29 13.65 17.19
CA ALA A 366 22.57 15.07 16.95
C ALA A 366 22.90 15.74 18.29
N LEU A 367 24.17 15.75 18.73
CA LEU A 367 24.54 16.46 19.99
C LEU A 367 25.92 17.03 19.78
N LYS A 368 26.40 17.00 18.54
CA LYS A 368 27.67 17.67 18.24
C LYS A 368 27.39 18.80 17.23
N THR A 369 26.12 19.08 16.93
CA THR A 369 25.78 20.26 16.08
C THR A 369 24.78 21.15 16.81
N LEU A 370 24.05 20.66 17.81
CA LEU A 370 23.18 21.55 18.60
C LEU A 370 24.03 21.87 19.80
N GLY A 371 25.33 21.65 19.68
CA GLY A 371 26.25 21.96 20.77
C GLY A 371 27.44 22.82 20.36
N ILE A 372 27.67 23.04 19.09
CA ILE A 372 28.79 23.96 18.78
C ILE A 372 28.09 25.31 18.91
N ILE A 373 26.81 25.42 18.56
CA ILE A 373 26.02 26.70 18.66
C ILE A 373 26.03 27.23 20.12
N MET A 374 25.92 26.38 21.14
CA MET A 374 25.82 26.88 22.54
C MET A 374 27.20 27.35 22.87
N GLY A 375 28.11 27.14 21.95
CA GLY A 375 29.44 27.70 22.14
C GLY A 375 29.68 28.96 21.30
N THR A 376 29.31 28.97 20.03
CA THR A 376 29.65 30.19 19.27
C THR A 376 28.92 31.35 19.96
N PHE A 377 27.66 31.21 20.41
CA PHE A 377 26.88 32.33 21.02
C PHE A 377 27.49 32.68 22.37
N THR A 378 28.46 31.92 22.88
CA THR A 378 29.10 32.37 24.14
C THR A 378 30.51 32.83 23.88
N LEU A 379 31.05 32.52 22.73
CA LEU A 379 32.47 32.92 22.59
C LEU A 379 32.52 34.26 21.90
N CYS A 380 31.37 34.79 21.55
CA CYS A 380 31.46 36.04 20.78
C CYS A 380 30.78 37.23 21.50
N TRP A 381 29.59 37.08 22.05
CA TRP A 381 28.99 38.28 22.64
C TRP A 381 29.39 38.28 24.08
N LEU A 382 30.26 37.38 24.50
CA LEU A 382 30.76 37.52 25.89
C LEU A 382 31.70 38.72 26.04
N PRO A 383 32.62 39.01 25.11
CA PRO A 383 33.48 40.13 25.35
C PRO A 383 32.73 41.44 25.62
N PHE A 384 31.74 41.84 24.82
CA PHE A 384 31.09 43.17 25.05
C PHE A 384 30.60 43.20 26.47
N PHE A 385 29.75 42.26 26.83
CA PHE A 385 29.21 42.44 28.18
C PHE A 385 30.41 42.49 29.08
N ILE A 386 31.42 41.70 28.79
CA ILE A 386 32.52 41.83 29.77
C ILE A 386 33.09 43.23 29.66
N VAL A 387 33.31 43.71 28.44
CA VAL A 387 34.01 45.02 28.30
C VAL A 387 33.19 46.15 28.92
N ASN A 388 31.88 46.22 28.67
CA ASN A 388 31.14 47.40 29.18
C ASN A 388 31.18 47.41 30.69
N ILE A 389 31.01 46.26 31.35
CA ILE A 389 30.95 46.33 32.85
C ILE A 389 32.29 46.91 33.29
N VAL A 390 33.36 46.52 32.60
CA VAL A 390 34.68 47.15 32.90
C VAL A 390 34.57 48.63 32.51
N HIS A 391 34.11 48.95 31.29
CA HIS A 391 34.02 50.37 30.96
C HIS A 391 33.19 51.14 31.98
N VAL A 392 32.29 50.46 32.69
CA VAL A 392 31.50 51.12 33.73
C VAL A 392 32.41 51.59 34.87
N ILE A 393 33.46 50.83 35.15
CA ILE A 393 34.36 51.16 36.25
C ILE A 393 35.07 52.48 35.96
N GLN A 394 35.69 53.03 37.01
CA GLN A 394 36.32 54.35 36.91
C GLN A 394 37.43 54.36 35.87
N ASP A 395 38.25 53.30 35.83
CA ASP A 395 39.34 53.25 34.87
C ASP A 395 38.81 53.23 33.44
N ASN A 396 39.40 54.06 32.58
CA ASN A 396 38.99 54.18 31.19
C ASN A 396 40.23 54.37 30.34
N LEU A 397 40.43 53.47 29.38
CA LEU A 397 41.59 53.56 28.50
C LEU A 397 41.31 54.53 27.35
N ILE A 398 42.22 54.52 26.37
CA ILE A 398 42.06 55.32 25.17
C ILE A 398 41.21 54.54 24.17
N ARG A 399 40.62 53.44 24.64
CA ARG A 399 39.81 52.55 23.83
C ARG A 399 38.33 52.92 23.88
N LYS A 400 38.02 54.21 24.04
CA LYS A 400 36.61 54.63 24.06
C LYS A 400 35.90 54.31 22.75
N GLU A 401 36.65 54.10 21.68
CA GLU A 401 35.93 53.71 20.45
C GLU A 401 35.78 52.18 20.43
N VAL A 402 36.34 51.44 21.39
CA VAL A 402 36.26 49.94 21.27
C VAL A 402 34.84 49.41 21.41
N TYR A 403 33.90 50.16 22.02
CA TYR A 403 32.54 49.61 22.23
C TYR A 403 32.03 49.29 20.82
N ILE A 404 32.26 50.15 19.83
CA ILE A 404 31.90 49.84 18.40
C ILE A 404 32.96 48.93 17.76
N LEU A 405 34.16 48.89 18.33
CA LEU A 405 35.18 47.94 17.83
C LEU A 405 34.79 46.50 18.17
N LEU A 406 34.24 46.25 19.37
CA LEU A 406 33.88 44.87 19.79
C LEU A 406 32.39 44.52 20.11
N ASN A 407 31.41 45.45 20.08
CA ASN A 407 29.98 45.05 20.27
C ASN A 407 29.40 44.96 18.87
N TRP A 408 30.27 45.01 17.88
CA TRP A 408 29.81 44.78 16.50
C TRP A 408 30.24 43.36 16.24
N ILE A 409 31.08 42.83 17.11
CA ILE A 409 31.62 41.49 16.84
C ILE A 409 30.37 40.66 16.75
N GLY A 410 29.43 41.04 17.57
CA GLY A 410 28.20 40.24 17.69
C GLY A 410 27.32 40.15 16.48
N TYR A 411 27.10 41.23 15.77
CA TYR A 411 26.09 41.10 14.72
C TYR A 411 26.51 39.97 13.80
N VAL A 412 27.81 39.71 13.69
CA VAL A 412 28.29 38.57 12.87
C VAL A 412 27.75 37.25 13.45
N ASN A 413 27.72 37.08 14.76
CA ASN A 413 27.32 35.78 15.37
C ASN A 413 26.00 35.31 14.81
N SER A 414 24.99 36.17 14.80
CA SER A 414 23.66 35.70 14.37
C SER A 414 23.79 35.23 12.95
N GLY A 415 24.80 35.73 12.26
CA GLY A 415 25.05 35.32 10.86
C GLY A 415 25.41 33.86 10.68
N PHE A 416 26.25 33.28 11.55
CA PHE A 416 26.71 31.88 11.33
C PHE A 416 25.79 30.86 12.01
N ASN A 417 24.76 31.31 12.71
CA ASN A 417 23.87 30.37 13.46
C ASN A 417 23.22 29.36 12.53
N PRO A 418 22.87 29.66 11.26
CA PRO A 418 22.41 28.60 10.36
C PRO A 418 23.55 28.00 9.53
N LEU A 419 24.73 28.61 9.54
CA LEU A 419 25.82 28.11 8.66
C LEU A 419 26.26 26.71 9.06
N ILE A 420 26.35 26.43 10.35
CA ILE A 420 26.84 25.11 10.85
C ILE A 420 25.88 23.98 10.49
N TYR A 421 24.59 24.26 10.27
CA TYR A 421 23.60 23.17 10.08
C TYR A 421 23.73 22.29 8.83
N CYS A 422 24.55 22.63 7.85
CA CYS A 422 24.59 21.87 6.57
C CYS A 422 25.31 20.52 6.71
N ARG A 423 25.84 20.20 7.87
CA ARG A 423 26.59 18.97 8.11
C ARG A 423 25.45 17.95 8.20
N SER A 424 24.34 18.31 8.86
CA SER A 424 23.25 17.31 9.07
C SER A 424 22.62 16.80 7.77
N PRO A 425 22.36 15.48 7.63
CA PRO A 425 21.84 14.95 6.36
C PRO A 425 20.46 15.51 5.97
N ASP A 426 19.54 15.60 6.93
CA ASP A 426 18.17 16.04 6.57
C ASP A 426 18.22 17.48 6.03
N PHE A 427 18.95 18.35 6.71
CA PHE A 427 19.09 19.73 6.20
C PHE A 427 19.84 19.69 4.87
N ARG A 428 20.87 18.85 4.78
CA ARG A 428 21.71 18.87 3.55
C ARG A 428 20.88 18.51 2.32
N ILE A 429 19.96 17.55 2.43
CA ILE A 429 19.23 17.18 1.19
C ILE A 429 18.45 18.41 0.71
N ALA A 430 17.80 19.14 1.61
CA ALA A 430 17.10 20.39 1.20
C ALA A 430 18.12 21.43 0.74
N PHE A 431 19.28 21.51 1.39
CA PHE A 431 20.27 22.57 1.05
C PHE A 431 20.71 22.38 -0.41
N GLN A 432 20.98 21.14 -0.82
CA GLN A 432 21.27 20.90 -2.25
C GLN A 432 19.99 21.12 -3.06
N GLU A 433 18.83 20.71 -2.53
CA GLU A 433 17.54 20.85 -3.26
C GLU A 433 17.10 22.31 -3.24
N THR B 13 13.83 4.73 -14.83
CA THR B 13 12.74 4.78 -13.88
C THR B 13 11.43 5.13 -14.56
N ASP B 14 11.49 5.33 -15.87
CA ASP B 14 10.28 5.57 -16.65
C ASP B 14 9.51 4.27 -16.86
N ARG B 15 10.17 3.27 -17.42
CA ARG B 15 9.58 1.96 -17.67
C ARG B 15 10.69 0.98 -17.98
N VAL B 16 10.62 -0.21 -17.41
CA VAL B 16 11.65 -1.23 -17.58
C VAL B 16 11.36 -2.11 -18.79
N VAL B 17 10.11 -2.56 -18.94
CA VAL B 17 9.67 -3.27 -20.13
C VAL B 17 8.53 -2.46 -20.75
N LYS B 18 8.65 -2.14 -22.04
CA LYS B 18 7.74 -1.23 -22.70
C LYS B 18 6.80 -1.91 -23.69
N ALA B 19 6.73 -3.25 -23.69
CA ALA B 19 5.87 -3.97 -24.62
C ALA B 19 4.51 -4.30 -24.03
N VAL B 20 4.04 -3.53 -23.07
CA VAL B 20 2.73 -3.75 -22.46
C VAL B 20 1.95 -2.44 -22.45
N PRO B 21 0.64 -2.47 -22.70
CA PRO B 21 -0.14 -1.23 -22.68
C PRO B 21 -0.30 -0.68 -21.26
N PHE B 22 -0.56 0.61 -21.20
CA PHE B 22 -0.72 1.32 -19.93
C PHE B 22 -2.19 1.57 -19.64
N PRO B 23 -2.66 1.22 -18.45
CA PRO B 23 -4.06 1.45 -18.10
C PRO B 23 -4.35 2.93 -17.94
N PRO B 24 -5.34 3.46 -18.67
CA PRO B 24 -5.75 4.85 -18.45
C PRO B 24 -6.27 5.04 -17.04
N SER B 25 -6.07 6.23 -16.50
CA SER B 25 -6.34 6.52 -15.10
C SER B 25 -7.58 7.37 -14.86
N HIS B 26 -7.99 8.19 -15.81
CA HIS B 26 -9.06 9.15 -15.60
C HIS B 26 -10.41 8.46 -15.76
N ARG B 27 -11.22 8.51 -14.71
CA ARG B 27 -12.55 7.92 -14.76
C ARG B 27 -13.50 8.84 -15.51
N LEU B 28 -14.25 8.26 -16.46
CA LEU B 28 -15.24 9.04 -17.19
C LEU B 28 -16.38 9.45 -16.26
N THR B 29 -16.86 10.68 -16.44
CA THR B 29 -17.93 11.23 -15.62
C THR B 29 -18.93 11.93 -16.53
N ALA B 30 -19.91 11.17 -17.03
CA ALA B 30 -21.02 11.70 -17.83
C ALA B 30 -20.53 12.56 -18.99
N LYS B 31 -19.28 12.33 -19.42
CA LYS B 31 -18.67 13.18 -20.44
C LYS B 31 -19.20 12.83 -21.83
N GLU B 32 -18.99 11.60 -22.28
CA GLU B 32 -19.57 11.12 -23.52
C GLU B 32 -20.22 9.75 -23.35
N VAL B 33 -20.37 9.25 -22.13
CA VAL B 33 -21.09 8.01 -21.90
C VAL B 33 -22.59 8.18 -22.06
N PHE B 34 -23.09 9.41 -22.06
CA PHE B 34 -24.50 9.69 -22.23
C PHE B 34 -24.67 10.73 -23.35
N ASP B 35 -25.74 10.57 -24.11
CA ASP B 35 -26.03 11.49 -25.20
C ASP B 35 -27.41 12.12 -25.02
N GLY B 38 -32.13 9.25 -25.34
CA GLY B 38 -31.29 9.12 -24.17
C GLY B 38 -30.46 7.84 -24.18
N LYS B 39 -30.00 7.45 -25.37
CA LYS B 39 -29.21 6.23 -25.47
C LYS B 39 -27.81 6.47 -24.90
N PRO B 40 -27.31 5.53 -24.09
CA PRO B 40 -25.93 5.65 -23.61
C PRO B 40 -24.94 5.12 -24.63
N ARG B 41 -23.75 5.70 -24.69
CA ARG B 41 -22.77 5.30 -25.69
C ARG B 41 -22.28 3.88 -25.43
N VAL B 42 -21.93 3.17 -26.50
CA VAL B 42 -21.47 1.80 -26.39
C VAL B 42 -20.04 1.63 -26.92
N ASP B 43 -19.68 2.28 -28.01
CA ASP B 43 -18.35 2.08 -28.59
C ASP B 43 -17.25 2.55 -27.65
N ILE B 44 -17.47 3.66 -26.95
CA ILE B 44 -16.50 4.10 -25.96
C ILE B 44 -16.42 3.12 -24.80
N LEU B 45 -17.55 2.54 -24.41
CA LEU B 45 -17.53 1.53 -23.35
C LEU B 45 -16.68 0.35 -23.76
N LYS B 46 -16.85 -0.11 -25.00
CA LYS B 46 -15.96 -1.12 -25.56
C LYS B 46 -14.50 -0.72 -25.42
N ALA B 47 -14.12 0.38 -26.06
CA ALA B 47 -12.72 0.72 -26.23
C ALA B 47 -12.07 1.22 -24.94
N HIS B 48 -12.87 1.50 -23.91
CA HIS B 48 -12.34 1.91 -22.61
C HIS B 48 -12.31 0.77 -21.60
N LEU B 49 -13.27 -0.16 -21.65
CA LEU B 49 -13.23 -1.29 -20.73
C LEU B 49 -12.27 -2.38 -21.21
N MET B 50 -11.97 -2.43 -22.51
CA MET B 50 -10.96 -3.38 -22.95
C MET B 50 -9.56 -3.00 -22.48
N LYS B 51 -9.36 -1.76 -22.01
CA LYS B 51 -8.07 -1.32 -21.52
C LYS B 51 -8.05 -1.16 -20.00
N GLU B 52 -8.90 -1.89 -19.29
CA GLU B 52 -8.89 -1.97 -17.83
C GLU B 52 -9.10 -0.62 -17.16
N GLY B 53 -9.79 0.30 -17.82
CA GLY B 53 -10.11 1.58 -17.23
C GLY B 53 -11.23 1.45 -16.21
N ARG B 54 -11.58 2.58 -15.62
CA ARG B 54 -12.63 2.63 -14.61
C ARG B 54 -13.56 3.78 -14.91
N LEU B 55 -14.79 3.66 -14.41
CA LEU B 55 -15.80 4.72 -14.53
C LEU B 55 -15.99 5.41 -13.19
N GLU B 56 -16.56 6.61 -13.23
CA GLU B 56 -16.88 7.31 -11.99
C GLU B 56 -18.02 6.60 -11.26
N GLU B 57 -18.05 6.77 -9.95
CA GLU B 57 -19.03 6.07 -9.13
C GLU B 57 -20.45 6.47 -9.50
N SER B 58 -20.68 7.77 -9.69
CA SER B 58 -22.02 8.27 -9.97
C SER B 58 -22.56 7.68 -11.27
N VAL B 59 -21.71 7.58 -12.29
CA VAL B 59 -22.15 7.02 -13.57
C VAL B 59 -22.52 5.55 -13.41
N ALA B 60 -21.73 4.80 -12.64
CA ALA B 60 -22.05 3.39 -12.40
C ALA B 60 -23.38 3.23 -11.69
N LEU B 61 -23.62 4.03 -10.65
CA LEU B 61 -24.91 3.99 -9.97
C LEU B 61 -26.04 4.33 -10.93
N ARG B 62 -25.84 5.35 -11.78
CA ARG B 62 -26.86 5.73 -12.74
C ARG B 62 -27.21 4.56 -13.66
N ILE B 63 -26.19 3.93 -14.26
CA ILE B 63 -26.44 2.86 -15.22
C ILE B 63 -27.14 1.69 -14.55
N ILE B 64 -26.65 1.27 -13.38
CA ILE B 64 -27.23 0.10 -12.73
C ILE B 64 -28.67 0.38 -12.30
N THR B 65 -28.94 1.57 -11.75
CA THR B 65 -30.30 1.86 -11.30
C THR B 65 -31.25 2.00 -12.48
N GLU B 66 -30.80 2.54 -13.61
CA GLU B 66 -31.67 2.63 -14.78
C GLU B 66 -31.99 1.23 -15.32
N GLY B 67 -30.98 0.35 -15.37
CA GLY B 67 -31.25 -1.02 -15.78
C GLY B 67 -32.22 -1.73 -14.87
N ALA B 68 -32.08 -1.52 -13.56
CA ALA B 68 -33.02 -2.11 -12.61
C ALA B 68 -34.43 -1.56 -12.82
N SER B 69 -34.55 -0.25 -13.08
CA SER B 69 -35.86 0.32 -13.33
C SER B 69 -36.50 -0.28 -14.57
N ILE B 70 -35.71 -0.52 -15.62
CA ILE B 70 -36.24 -1.19 -16.80
C ILE B 70 -36.69 -2.60 -16.47
N LEU B 71 -35.89 -3.34 -15.70
CA LEU B 71 -36.17 -4.75 -15.47
C LEU B 71 -37.34 -4.95 -14.51
N ARG B 72 -37.62 -3.96 -13.66
CA ARG B 72 -38.65 -4.09 -12.63
C ARG B 72 -40.00 -4.47 -13.19
N GLN B 73 -40.39 -3.89 -14.32
CA GLN B 73 -41.74 -4.08 -14.87
C GLN B 73 -41.87 -5.35 -15.70
N GLU B 74 -40.80 -6.11 -15.89
CA GLU B 74 -40.87 -7.32 -16.69
C GLU B 74 -41.67 -8.40 -15.98
N LYS B 75 -42.36 -9.22 -16.77
CA LYS B 75 -43.19 -10.29 -16.21
C LYS B 75 -42.31 -11.38 -15.62
N ASN B 76 -42.95 -12.42 -15.09
CA ASN B 76 -42.26 -13.57 -14.53
C ASN B 76 -42.09 -14.70 -15.53
N LEU B 77 -42.56 -14.52 -16.77
CA LEU B 77 -42.43 -15.55 -17.80
C LEU B 77 -42.36 -14.83 -19.14
N LEU B 78 -41.16 -14.73 -19.71
CA LEU B 78 -40.96 -14.00 -20.93
C LEU B 78 -41.63 -14.71 -22.11
N ASP B 79 -42.03 -13.92 -23.11
CA ASP B 79 -42.58 -14.44 -24.34
C ASP B 79 -41.85 -13.81 -25.51
N ILE B 80 -41.30 -14.64 -26.40
CA ILE B 80 -40.43 -14.18 -27.47
C ILE B 80 -40.90 -14.78 -28.78
N ASP B 81 -40.55 -14.13 -29.88
CA ASP B 81 -40.86 -14.62 -31.21
C ASP B 81 -39.76 -15.59 -31.68
N ALA B 82 -39.79 -15.95 -32.97
CA ALA B 82 -39.03 -17.13 -33.41
C ALA B 82 -37.52 -16.90 -33.42
N PRO B 83 -36.96 -16.01 -34.25
CA PRO B 83 -35.50 -16.05 -34.48
C PRO B 83 -34.75 -15.57 -33.24
N VAL B 84 -34.10 -16.50 -32.55
CA VAL B 84 -33.38 -16.22 -31.32
C VAL B 84 -32.01 -16.88 -31.40
N THR B 85 -31.12 -16.46 -30.50
CA THR B 85 -29.77 -17.02 -30.38
C THR B 85 -29.49 -17.25 -28.91
N VAL B 86 -29.87 -18.44 -28.42
CA VAL B 86 -29.66 -18.78 -27.02
C VAL B 86 -28.17 -18.86 -26.74
N CYS B 87 -27.77 -18.43 -25.54
CA CYS B 87 -26.40 -18.55 -25.09
C CYS B 87 -26.36 -19.31 -23.77
N GLY B 88 -25.18 -19.38 -23.17
CA GLY B 88 -24.99 -20.05 -21.91
C GLY B 88 -24.48 -19.11 -20.82
N ASP B 89 -24.08 -19.71 -19.71
CA ASP B 89 -23.48 -18.93 -18.64
C ASP B 89 -22.12 -18.40 -19.06
N ILE B 90 -21.65 -17.36 -18.37
CA ILE B 90 -20.45 -16.63 -18.76
C ILE B 90 -19.41 -16.62 -17.65
N HIS B 91 -19.83 -16.33 -16.41
CA HIS B 91 -18.94 -16.32 -15.25
C HIS B 91 -17.88 -15.22 -15.36
N GLY B 92 -18.27 -14.09 -15.91
CA GLY B 92 -17.49 -12.87 -15.78
C GLY B 92 -16.27 -12.74 -16.66
N GLN B 93 -16.09 -13.62 -17.64
CA GLN B 93 -14.93 -13.55 -18.52
C GLN B 93 -15.23 -12.54 -19.63
N PHE B 94 -14.73 -11.31 -19.48
CA PHE B 94 -15.02 -10.26 -20.43
C PHE B 94 -14.46 -10.57 -21.81
N PHE B 95 -13.18 -10.95 -21.87
CA PHE B 95 -12.51 -11.11 -23.16
C PHE B 95 -13.03 -12.30 -23.93
N ASP B 96 -13.82 -13.18 -23.32
CA ASP B 96 -14.57 -14.19 -24.04
C ASP B 96 -15.99 -13.74 -24.37
N LEU B 97 -16.56 -12.85 -23.55
CA LEU B 97 -17.85 -12.26 -23.90
C LEU B 97 -17.75 -11.47 -25.20
N MET B 98 -16.65 -10.74 -25.39
CA MET B 98 -16.46 -10.05 -26.67
C MET B 98 -16.38 -11.03 -27.83
N LYS B 99 -15.67 -12.15 -27.65
CA LYS B 99 -15.61 -13.14 -28.72
C LYS B 99 -16.98 -13.71 -29.03
N LEU B 100 -17.79 -13.92 -27.99
CA LEU B 100 -19.15 -14.41 -28.19
C LEU B 100 -19.96 -13.41 -29.02
N PHE B 101 -19.88 -12.12 -28.67
CA PHE B 101 -20.59 -11.09 -29.43
C PHE B 101 -20.09 -10.99 -30.86
N GLU B 102 -18.81 -11.27 -31.10
CA GLU B 102 -18.30 -11.23 -32.47
C GLU B 102 -18.71 -12.45 -33.28
N VAL B 103 -18.71 -13.64 -32.68
CA VAL B 103 -19.09 -14.85 -33.40
C VAL B 103 -20.59 -14.92 -33.64
N GLY B 104 -21.41 -14.38 -32.75
CA GLY B 104 -22.83 -14.26 -32.97
C GLY B 104 -23.00 -12.95 -33.72
N GLY B 105 -24.25 -12.51 -33.83
CA GLY B 105 -24.52 -11.21 -34.40
C GLY B 105 -24.44 -9.97 -33.54
N SER B 106 -24.42 -8.80 -34.16
CA SER B 106 -24.50 -7.56 -33.41
C SER B 106 -25.87 -7.45 -32.75
N PRO B 107 -25.94 -6.82 -31.57
CA PRO B 107 -27.24 -6.72 -30.88
C PRO B 107 -28.30 -5.98 -31.69
N ALA B 108 -27.91 -5.19 -32.69
CA ALA B 108 -28.88 -4.49 -33.52
C ALA B 108 -29.56 -5.43 -34.53
N ASN B 109 -28.88 -6.50 -34.92
CA ASN B 109 -29.33 -7.36 -36.00
C ASN B 109 -29.88 -8.70 -35.54
N THR B 110 -29.66 -9.11 -34.30
CA THR B 110 -30.05 -10.44 -33.86
C THR B 110 -30.53 -10.36 -32.42
N ARG B 111 -31.48 -11.24 -32.08
CA ARG B 111 -32.12 -11.26 -30.77
C ARG B 111 -31.47 -12.33 -29.90
N TYR B 112 -31.17 -11.95 -28.66
CA TYR B 112 -30.43 -12.82 -27.75
C TYR B 112 -31.33 -13.27 -26.61
N LEU B 113 -30.82 -14.22 -25.83
CA LEU B 113 -31.45 -14.67 -24.60
C LEU B 113 -30.34 -15.31 -23.77
N PHE B 114 -29.89 -14.63 -22.74
CA PHE B 114 -28.87 -15.21 -21.88
C PHE B 114 -29.53 -16.04 -20.79
N LEU B 115 -28.80 -17.02 -20.29
CA LEU B 115 -29.34 -17.95 -19.30
C LEU B 115 -28.64 -17.86 -17.97
N GLY B 116 -27.33 -18.03 -17.95
CA GLY B 116 -26.62 -18.35 -16.73
C GLY B 116 -26.30 -17.15 -15.86
N ASP B 117 -25.55 -17.44 -14.80
CA ASP B 117 -25.05 -16.42 -13.91
C ASP B 117 -24.05 -15.52 -14.62
N TYR B 118 -23.80 -14.35 -14.04
CA TYR B 118 -23.02 -13.32 -14.71
C TYR B 118 -21.75 -12.89 -13.99
N VAL B 119 -21.54 -13.31 -12.74
CA VAL B 119 -20.57 -12.60 -11.93
C VAL B 119 -19.49 -13.49 -11.34
N ASP B 120 -19.88 -14.53 -10.61
CA ASP B 120 -18.97 -15.15 -9.66
C ASP B 120 -17.84 -15.90 -10.36
N ARG B 121 -16.78 -16.16 -9.59
CA ARG B 121 -15.63 -16.98 -9.96
C ARG B 121 -14.81 -16.40 -11.11
N GLY B 122 -14.77 -15.08 -11.24
CA GLY B 122 -13.97 -14.45 -12.26
C GLY B 122 -13.43 -13.12 -11.76
N TYR B 123 -12.45 -12.60 -12.48
CA TYR B 123 -11.82 -11.35 -12.11
C TYR B 123 -12.39 -10.14 -12.83
N PHE B 124 -13.46 -10.31 -13.61
CA PHE B 124 -14.04 -9.20 -14.35
C PHE B 124 -15.56 -9.28 -14.33
N SER B 125 -16.11 -9.51 -13.13
CA SER B 125 -17.56 -9.57 -12.99
C SER B 125 -18.19 -8.19 -13.19
N ILE B 126 -17.65 -7.17 -12.53
CA ILE B 126 -18.30 -5.86 -12.54
C ILE B 126 -18.29 -5.26 -13.93
N GLU B 127 -17.22 -5.46 -14.68
CA GLU B 127 -17.16 -4.92 -16.04
C GLU B 127 -18.18 -5.61 -16.94
N CYS B 128 -18.32 -6.93 -16.81
CA CYS B 128 -19.31 -7.65 -17.61
C CYS B 128 -20.72 -7.20 -17.28
N VAL B 129 -21.04 -7.04 -15.99
CA VAL B 129 -22.41 -6.66 -15.64
C VAL B 129 -22.69 -5.24 -16.08
N LEU B 130 -21.71 -4.34 -15.97
CA LEU B 130 -21.89 -2.97 -16.44
C LEU B 130 -22.17 -2.93 -17.93
N TYR B 131 -21.34 -3.63 -18.72
CA TYR B 131 -21.55 -3.64 -20.17
C TYR B 131 -22.91 -4.21 -20.53
N LEU B 132 -23.27 -5.35 -19.94
CA LEU B 132 -24.56 -5.97 -20.29
C LEU B 132 -25.73 -5.08 -19.92
N TRP B 133 -25.70 -4.48 -18.73
CA TRP B 133 -26.85 -3.69 -18.32
C TRP B 133 -26.96 -2.40 -19.13
N ALA B 134 -25.82 -1.81 -19.51
CA ALA B 134 -25.88 -0.64 -20.39
C ALA B 134 -26.48 -1.03 -21.75
N LEU B 135 -26.05 -2.16 -22.31
CA LEU B 135 -26.58 -2.54 -23.61
C LEU B 135 -28.05 -2.93 -23.52
N LYS B 136 -28.49 -3.40 -22.36
CA LYS B 136 -29.91 -3.64 -22.15
C LYS B 136 -30.68 -2.33 -22.04
N ILE B 137 -30.07 -1.30 -21.44
CA ILE B 137 -30.72 0.01 -21.36
C ILE B 137 -30.92 0.58 -22.76
N LEU B 138 -29.89 0.48 -23.61
CA LEU B 138 -30.01 1.00 -24.97
C LEU B 138 -31.05 0.22 -25.76
N TYR B 139 -30.97 -1.11 -25.73
CA TYR B 139 -31.91 -1.95 -26.46
C TYR B 139 -32.88 -2.59 -25.47
N PRO B 140 -34.12 -2.15 -25.41
CA PRO B 140 -35.01 -2.65 -24.35
C PRO B 140 -35.89 -3.80 -24.81
N LYS B 141 -35.86 -4.13 -26.09
CA LYS B 141 -36.80 -5.10 -26.64
C LYS B 141 -36.14 -6.25 -27.39
N THR B 142 -34.87 -6.14 -27.74
CA THR B 142 -34.18 -7.18 -28.51
C THR B 142 -33.04 -7.80 -27.70
N LEU B 143 -33.27 -8.02 -26.41
CA LEU B 143 -32.34 -8.75 -25.57
C LEU B 143 -33.02 -9.03 -24.23
N PHE B 144 -32.88 -10.25 -23.73
CA PHE B 144 -33.50 -10.66 -22.48
C PHE B 144 -32.50 -11.41 -21.63
N LEU B 145 -32.65 -11.29 -20.31
CA LEU B 145 -31.74 -11.91 -19.36
C LEU B 145 -32.52 -12.77 -18.37
N LEU B 146 -31.85 -13.81 -17.87
CA LEU B 146 -32.43 -14.77 -16.95
C LEU B 146 -31.57 -14.88 -15.71
N ARG B 147 -32.21 -15.15 -14.57
CA ARG B 147 -31.52 -15.20 -13.29
C ARG B 147 -31.03 -16.61 -12.99
N GLY B 148 -29.81 -16.70 -12.45
CA GLY B 148 -29.21 -17.97 -12.12
C GLY B 148 -29.03 -18.17 -10.62
N ASN B 149 -28.27 -19.21 -10.28
CA ASN B 149 -28.07 -19.56 -8.88
C ASN B 149 -27.09 -18.65 -8.17
N HIS B 150 -26.24 -17.94 -8.90
CA HIS B 150 -25.17 -17.12 -8.31
C HIS B 150 -25.56 -15.65 -8.21
N GLU B 151 -26.82 -15.36 -7.90
CA GLU B 151 -27.29 -14.00 -7.72
C GLU B 151 -28.01 -13.87 -6.38
N CYS B 152 -27.38 -14.39 -5.33
CA CYS B 152 -27.91 -14.34 -3.98
C CYS B 152 -26.98 -13.51 -3.11
N ARG B 153 -27.25 -13.50 -1.81
CA ARG B 153 -26.42 -12.78 -0.86
C ARG B 153 -25.31 -13.67 -0.30
N HIS B 154 -25.68 -14.85 0.21
CA HIS B 154 -24.70 -15.73 0.83
C HIS B 154 -23.65 -16.20 -0.16
N LEU B 155 -24.07 -16.57 -1.37
CA LEU B 155 -23.13 -17.15 -2.33
C LEU B 155 -22.11 -16.13 -2.80
N THR B 156 -22.54 -14.91 -3.14
CA THR B 156 -21.59 -13.90 -3.58
C THR B 156 -20.81 -13.31 -2.41
N GLU B 157 -21.33 -13.43 -1.19
CA GLU B 157 -20.51 -13.07 -0.03
C GLU B 157 -19.41 -14.09 0.20
N TYR B 158 -19.69 -15.37 -0.05
CA TYR B 158 -18.72 -16.43 0.17
C TYR B 158 -17.56 -16.32 -0.81
N PHE B 159 -17.85 -16.17 -2.09
CA PHE B 159 -16.84 -16.18 -3.13
C PHE B 159 -16.29 -14.77 -3.35
N THR B 160 -15.57 -14.58 -4.45
CA THR B 160 -14.86 -13.34 -4.71
C THR B 160 -15.72 -12.43 -5.59
N PHE B 161 -16.72 -11.82 -4.97
CA PHE B 161 -17.45 -10.71 -5.58
C PHE B 161 -17.51 -9.51 -4.65
N LYS B 162 -17.67 -9.72 -3.34
CA LYS B 162 -17.67 -8.59 -2.42
C LYS B 162 -16.31 -7.90 -2.43
N GLN B 163 -15.22 -8.67 -2.50
CA GLN B 163 -13.89 -8.07 -2.54
C GLN B 163 -13.69 -7.26 -3.82
N GLU B 164 -14.24 -7.72 -4.94
CA GLU B 164 -14.17 -6.97 -6.19
C GLU B 164 -14.78 -5.59 -6.03
N CYS B 165 -16.00 -5.53 -5.53
CA CYS B 165 -16.68 -4.24 -5.40
C CYS B 165 -16.04 -3.38 -4.32
N LYS B 166 -15.47 -4.01 -3.30
CA LYS B 166 -14.83 -3.23 -2.23
C LYS B 166 -13.46 -2.71 -2.63
N ILE B 167 -12.80 -3.35 -3.60
CA ILE B 167 -11.48 -2.89 -4.02
C ILE B 167 -11.59 -1.90 -5.17
N LYS B 168 -12.24 -2.29 -6.27
CA LYS B 168 -12.28 -1.40 -7.42
C LYS B 168 -13.25 -0.25 -7.24
N TYR B 169 -14.36 -0.46 -6.53
CA TYR B 169 -15.38 0.57 -6.37
C TYR B 169 -15.72 0.74 -4.90
N SER B 170 -16.81 1.45 -4.62
CA SER B 170 -17.30 1.57 -3.25
C SER B 170 -18.37 0.50 -2.97
N GLU B 171 -18.64 0.27 -1.69
CA GLU B 171 -19.64 -0.72 -1.31
C GLU B 171 -21.06 -0.30 -1.68
N ARG B 172 -21.28 1.00 -1.92
CA ARG B 172 -22.58 1.44 -2.40
C ARG B 172 -22.90 0.81 -3.75
N VAL B 173 -21.88 0.66 -4.61
CA VAL B 173 -22.07 -0.03 -5.88
C VAL B 173 -22.55 -1.46 -5.65
N TYR B 174 -21.95 -2.15 -4.68
CA TYR B 174 -22.33 -3.53 -4.39
C TYR B 174 -23.76 -3.62 -3.88
N ASP B 175 -24.15 -2.72 -2.96
CA ASP B 175 -25.53 -2.73 -2.46
C ASP B 175 -26.53 -2.45 -3.58
N ALA B 176 -26.24 -1.45 -4.42
CA ALA B 176 -27.11 -1.17 -5.55
C ALA B 176 -27.17 -2.34 -6.51
N CYS B 177 -26.05 -3.05 -6.66
CA CYS B 177 -26.02 -4.20 -7.57
C CYS B 177 -26.90 -5.33 -7.04
N MET B 178 -26.93 -5.51 -5.72
CA MET B 178 -27.86 -6.48 -5.15
C MET B 178 -29.31 -6.06 -5.35
N ASP B 179 -29.62 -4.79 -5.05
CA ASP B 179 -30.96 -4.29 -5.30
C ASP B 179 -31.33 -4.36 -6.77
N ALA B 180 -30.33 -4.46 -7.66
CA ALA B 180 -30.58 -4.63 -9.08
C ALA B 180 -30.86 -6.09 -9.42
N PHE B 181 -30.02 -7.02 -8.93
CA PHE B 181 -30.28 -8.43 -9.16
C PHE B 181 -31.61 -8.88 -8.61
N ASP B 182 -32.16 -8.17 -7.62
CA ASP B 182 -33.34 -8.67 -6.92
C ASP B 182 -34.54 -8.91 -7.83
N CYS B 183 -34.62 -8.27 -9.01
CA CYS B 183 -35.88 -8.20 -9.74
C CYS B 183 -35.90 -8.93 -11.07
N LEU B 184 -34.95 -9.80 -11.36
CA LEU B 184 -34.87 -10.42 -12.68
C LEU B 184 -36.00 -11.44 -12.89
N PRO B 185 -36.32 -11.76 -14.13
CA PRO B 185 -37.29 -12.83 -14.41
C PRO B 185 -36.62 -14.20 -14.35
N LEU B 186 -37.46 -15.25 -14.36
CA LEU B 186 -36.91 -16.59 -14.15
C LEU B 186 -37.53 -17.72 -14.97
N ALA B 187 -38.34 -17.44 -16.00
CA ALA B 187 -39.01 -18.52 -16.72
C ALA B 187 -38.55 -18.64 -18.17
N ALA B 188 -38.69 -17.59 -18.98
CA ALA B 188 -38.19 -17.55 -20.36
C ALA B 188 -38.82 -18.65 -21.22
N LEU B 189 -40.12 -18.50 -21.44
CA LEU B 189 -40.79 -19.27 -22.49
C LEU B 189 -40.46 -18.66 -23.85
N MET B 190 -40.33 -19.52 -24.86
CA MET B 190 -39.81 -19.07 -26.15
C MET B 190 -40.50 -19.81 -27.27
N ASN B 191 -41.08 -19.06 -28.21
CA ASN B 191 -41.74 -19.55 -29.42
C ASN B 191 -43.00 -20.36 -29.13
N GLN B 192 -43.53 -20.30 -27.91
CA GLN B 192 -44.73 -21.03 -27.50
C GLN B 192 -44.58 -22.54 -27.69
N GLN B 193 -43.36 -23.03 -27.86
CA GLN B 193 -43.08 -24.44 -28.07
C GLN B 193 -42.08 -25.00 -27.06
N PHE B 194 -41.06 -24.24 -26.71
CA PHE B 194 -40.00 -24.69 -25.82
C PHE B 194 -40.18 -24.08 -24.43
N LEU B 195 -39.22 -24.34 -23.57
CA LEU B 195 -39.17 -23.76 -22.23
C LEU B 195 -37.73 -23.74 -21.80
N CYS B 196 -37.20 -22.56 -21.50
CA CYS B 196 -35.78 -22.39 -21.19
C CYS B 196 -35.64 -21.83 -19.77
N VAL B 197 -35.50 -22.70 -18.79
CA VAL B 197 -35.22 -22.30 -17.42
C VAL B 197 -33.74 -22.52 -17.15
N HIS B 198 -33.24 -21.92 -16.08
CA HIS B 198 -31.80 -21.98 -15.81
C HIS B 198 -31.37 -23.40 -15.47
N GLY B 199 -32.05 -24.05 -14.55
CA GLY B 199 -31.64 -25.37 -14.12
C GLY B 199 -32.57 -26.46 -14.60
N GLY B 200 -33.44 -26.94 -13.71
CA GLY B 200 -34.40 -27.97 -14.08
C GLY B 200 -35.69 -27.79 -13.32
N LEU B 201 -36.71 -28.51 -13.78
CA LEU B 201 -38.04 -28.43 -13.18
C LEU B 201 -38.03 -29.16 -11.85
N SER B 202 -39.15 -29.12 -11.15
CA SER B 202 -39.28 -29.75 -9.84
C SER B 202 -40.60 -30.51 -9.76
N PRO B 203 -40.66 -31.61 -9.00
CA PRO B 203 -41.92 -32.35 -8.88
C PRO B 203 -43.06 -31.53 -8.29
N GLU B 204 -42.76 -30.58 -7.41
CA GLU B 204 -43.80 -29.77 -6.79
C GLU B 204 -44.41 -28.76 -7.76
N ILE B 205 -43.84 -28.59 -8.94
CA ILE B 205 -44.40 -27.72 -9.99
C ILE B 205 -44.94 -28.61 -11.10
N ASN B 206 -46.20 -28.41 -11.46
CA ASN B 206 -46.87 -29.28 -12.42
C ASN B 206 -47.29 -28.56 -13.69
N THR B 207 -47.93 -27.40 -13.58
CA THR B 207 -48.49 -26.70 -14.74
C THR B 207 -47.73 -25.40 -15.00
N LEU B 208 -47.76 -24.97 -16.25
CA LEU B 208 -47.11 -23.71 -16.62
C LEU B 208 -47.76 -22.53 -15.89
N ASP B 209 -49.08 -22.55 -15.76
CA ASP B 209 -49.78 -21.49 -15.05
C ASP B 209 -49.39 -21.42 -13.58
N ASP B 210 -48.85 -22.51 -13.03
CA ASP B 210 -48.46 -22.52 -11.61
C ASP B 210 -47.26 -21.62 -11.34
N ILE B 211 -46.41 -21.38 -12.32
CA ILE B 211 -45.24 -20.53 -12.14
C ILE B 211 -45.55 -19.08 -12.51
N ARG B 212 -46.81 -18.73 -12.68
CA ARG B 212 -47.22 -17.37 -12.99
C ARG B 212 -47.73 -16.60 -11.79
N LYS B 213 -47.64 -17.19 -10.58
CA LYS B 213 -48.16 -16.53 -9.38
C LYS B 213 -47.10 -16.20 -8.35
N LEU B 214 -46.03 -16.99 -8.26
CA LEU B 214 -45.04 -16.78 -7.21
C LEU B 214 -44.29 -15.47 -7.42
N ASP B 215 -43.84 -14.88 -6.31
CA ASP B 215 -43.08 -13.64 -6.35
C ASP B 215 -41.59 -13.94 -6.31
N ARG B 216 -40.82 -13.14 -7.04
CA ARG B 216 -39.37 -13.31 -7.12
C ARG B 216 -38.63 -12.07 -6.65
N PHE B 217 -39.23 -11.33 -5.72
CA PHE B 217 -38.70 -10.05 -5.28
C PHE B 217 -37.93 -10.16 -3.96
N LYS B 218 -37.24 -11.27 -3.73
CA LYS B 218 -36.54 -11.48 -2.47
C LYS B 218 -35.46 -12.51 -2.66
N GLU B 219 -34.60 -12.64 -1.64
CA GLU B 219 -33.59 -13.68 -1.63
C GLU B 219 -34.26 -15.05 -1.61
N PRO B 220 -33.83 -15.97 -2.48
CA PRO B 220 -34.48 -17.29 -2.54
C PRO B 220 -34.40 -18.02 -1.20
N PRO B 221 -35.45 -18.75 -0.83
CA PRO B 221 -35.40 -19.55 0.40
C PRO B 221 -34.61 -20.84 0.20
N ALA B 222 -34.62 -21.71 1.21
CA ALA B 222 -33.89 -22.97 1.15
C ALA B 222 -34.73 -24.13 0.63
N TYR B 223 -36.03 -23.93 0.43
CA TYR B 223 -36.90 -24.99 -0.07
C TYR B 223 -38.05 -24.36 -0.85
N GLY B 224 -38.73 -25.19 -1.64
CA GLY B 224 -39.85 -24.74 -2.42
C GLY B 224 -39.55 -24.74 -3.90
N PRO B 225 -40.48 -24.21 -4.70
CA PRO B 225 -40.24 -24.17 -6.15
C PRO B 225 -39.19 -23.16 -6.54
N MET B 226 -39.08 -22.05 -5.81
CA MET B 226 -38.09 -21.03 -6.14
C MET B 226 -36.67 -21.57 -6.02
N CYS B 227 -36.39 -22.32 -4.94
CA CYS B 227 -35.07 -22.88 -4.76
C CYS B 227 -34.88 -24.22 -5.45
N ASP B 228 -35.93 -24.75 -6.07
CA ASP B 228 -35.81 -25.97 -6.87
C ASP B 228 -35.67 -25.69 -8.35
N ILE B 229 -36.12 -24.53 -8.83
CA ILE B 229 -35.96 -24.18 -10.24
C ILE B 229 -34.48 -23.92 -10.55
N LEU B 230 -33.82 -23.14 -9.69
CA LEU B 230 -32.47 -22.65 -9.95
C LEU B 230 -31.37 -23.61 -9.49
N TRP B 231 -31.71 -24.68 -8.79
CA TRP B 231 -30.70 -25.54 -8.20
C TRP B 231 -30.76 -26.98 -8.70
N SER B 232 -31.88 -27.38 -9.30
CA SER B 232 -32.07 -28.76 -9.72
C SER B 232 -31.03 -29.18 -10.75
N ASP B 233 -30.94 -30.49 -10.95
CA ASP B 233 -30.02 -31.11 -11.90
C ASP B 233 -30.72 -32.27 -12.56
N PRO B 234 -30.27 -32.69 -13.74
CA PRO B 234 -30.83 -33.86 -14.38
C PRO B 234 -30.12 -35.14 -13.92
N LEU B 235 -30.73 -36.27 -14.22
CA LEU B 235 -30.15 -37.56 -13.85
C LEU B 235 -28.91 -37.83 -14.68
N GLU B 236 -27.95 -38.51 -14.07
CA GLU B 236 -26.66 -38.81 -14.70
C GLU B 236 -26.51 -40.30 -14.98
N ASP B 237 -27.60 -41.05 -14.96
CA ASP B 237 -27.58 -42.48 -15.25
C ASP B 237 -28.76 -42.84 -16.17
N PHE B 238 -28.94 -42.06 -17.23
CA PHE B 238 -30.02 -42.29 -18.19
C PHE B 238 -29.91 -43.68 -18.80
N GLY B 239 -31.06 -44.31 -19.06
CA GLY B 239 -31.08 -45.69 -19.49
C GLY B 239 -30.99 -46.64 -18.31
N ASN B 240 -31.93 -46.52 -17.38
CA ASN B 240 -31.93 -47.29 -16.14
C ASN B 240 -33.37 -47.67 -15.81
N GLU B 241 -33.58 -48.11 -14.58
CA GLU B 241 -34.91 -48.49 -14.10
C GLU B 241 -35.69 -47.22 -13.73
N LYS B 242 -36.81 -47.40 -13.05
CA LYS B 242 -37.65 -46.29 -12.60
C LYS B 242 -36.86 -45.28 -11.78
N HIS B 246 -39.13 -39.59 -9.13
CA HIS B 246 -39.56 -38.22 -9.42
C HIS B 246 -38.77 -37.20 -8.62
N PHE B 247 -38.53 -37.49 -7.34
CA PHE B 247 -37.93 -36.54 -6.41
C PHE B 247 -36.79 -37.18 -5.63
N THR B 248 -35.89 -37.86 -6.34
CA THR B 248 -34.70 -38.39 -5.70
C THR B 248 -33.77 -37.25 -5.31
N HIS B 249 -33.25 -37.29 -4.08
CA HIS B 249 -32.43 -36.22 -3.57
C HIS B 249 -31.08 -36.18 -4.29
N ASN B 250 -30.42 -35.02 -4.21
CA ASN B 250 -29.12 -34.80 -4.81
C ASN B 250 -28.01 -34.89 -3.78
N THR B 251 -26.79 -35.05 -4.27
CA THR B 251 -25.62 -35.19 -3.41
C THR B 251 -24.59 -34.09 -3.65
N VAL B 252 -24.25 -33.80 -4.90
CA VAL B 252 -23.18 -32.85 -5.19
C VAL B 252 -23.56 -31.46 -4.70
N ARG B 253 -24.78 -31.03 -4.97
CA ARG B 253 -25.25 -29.73 -4.52
C ARG B 253 -25.81 -29.77 -3.10
N GLY B 254 -26.54 -30.82 -2.75
CA GLY B 254 -27.08 -30.95 -1.42
C GLY B 254 -28.16 -29.94 -1.08
N CYS B 255 -28.86 -29.42 -2.08
CA CYS B 255 -29.88 -28.41 -1.82
C CYS B 255 -31.17 -28.60 -2.62
N SER B 256 -31.23 -29.51 -3.58
CA SER B 256 -32.39 -29.57 -4.47
C SER B 256 -32.63 -31.03 -4.85
N TYR B 257 -33.41 -31.25 -5.91
CA TYR B 257 -33.87 -32.57 -6.29
C TYR B 257 -33.38 -32.93 -7.69
N PHE B 258 -33.32 -34.23 -7.96
CA PHE B 258 -33.15 -34.74 -9.31
C PHE B 258 -34.51 -34.92 -9.98
N TYR B 259 -34.47 -35.39 -11.22
CA TYR B 259 -35.69 -35.74 -11.94
C TYR B 259 -35.34 -36.79 -13.00
N SER B 260 -36.33 -37.63 -13.31
CA SER B 260 -36.12 -38.78 -14.18
C SER B 260 -36.87 -38.58 -15.50
N TYR B 261 -36.53 -39.43 -16.46
CA TYR B 261 -37.17 -39.38 -17.78
C TYR B 261 -38.68 -39.49 -17.73
N PRO B 262 -39.29 -40.37 -16.92
CA PRO B 262 -40.77 -40.36 -16.84
C PRO B 262 -41.33 -39.01 -16.41
N ALA B 263 -40.65 -38.30 -15.52
CA ALA B 263 -41.12 -36.97 -15.11
C ALA B 263 -41.12 -36.01 -16.29
N VAL B 264 -40.04 -36.02 -17.08
CA VAL B 264 -39.96 -35.15 -18.25
C VAL B 264 -41.05 -35.51 -19.26
N CYS B 265 -41.24 -36.81 -19.52
CA CYS B 265 -42.26 -37.21 -20.48
C CYS B 265 -43.65 -36.80 -20.01
N ASP B 266 -43.94 -36.97 -18.72
CA ASP B 266 -45.23 -36.58 -18.19
C ASP B 266 -45.45 -35.07 -18.28
N PHE B 267 -44.40 -34.29 -17.99
CA PHE B 267 -44.53 -32.84 -18.09
C PHE B 267 -44.74 -32.40 -19.54
N LEU B 268 -44.05 -33.02 -20.47
CA LEU B 268 -44.18 -32.68 -21.89
C LEU B 268 -45.47 -33.19 -22.51
N GLN B 269 -46.11 -34.19 -21.92
CA GLN B 269 -47.41 -34.65 -22.42
C GLN B 269 -48.58 -33.94 -21.77
N HIS B 270 -48.47 -33.57 -20.50
CA HIS B 270 -49.55 -32.85 -19.83
C HIS B 270 -49.74 -31.47 -20.44
N ASN B 271 -48.66 -30.77 -20.76
CA ASN B 271 -48.69 -29.46 -21.41
C ASN B 271 -47.94 -29.56 -22.72
N ASN B 272 -48.49 -28.93 -23.77
CA ASN B 272 -47.93 -29.08 -25.10
C ASN B 272 -46.64 -28.29 -25.27
N LEU B 273 -45.51 -28.92 -24.96
CA LEU B 273 -44.20 -28.33 -25.16
C LEU B 273 -43.32 -29.30 -25.93
N LEU B 274 -42.05 -28.97 -26.12
CA LEU B 274 -41.13 -29.86 -26.82
C LEU B 274 -39.94 -30.30 -25.98
N SER B 275 -39.21 -29.38 -25.35
CA SER B 275 -38.01 -29.74 -24.61
C SER B 275 -37.68 -28.65 -23.60
N ILE B 276 -36.60 -28.87 -22.86
CA ILE B 276 -36.11 -27.94 -21.84
C ILE B 276 -34.60 -27.79 -22.01
N LEU B 277 -34.11 -26.57 -21.81
CA LEU B 277 -32.70 -26.25 -21.98
C LEU B 277 -32.10 -25.89 -20.62
N ARG B 278 -30.77 -26.01 -20.53
CA ARG B 278 -30.06 -25.87 -19.26
C ARG B 278 -28.75 -25.13 -19.46
N ALA B 279 -28.14 -24.71 -18.34
CA ALA B 279 -26.83 -24.05 -18.44
C ALA B 279 -25.88 -24.36 -17.28
N HIS B 280 -25.98 -25.53 -16.64
CA HIS B 280 -25.05 -25.86 -15.56
C HIS B 280 -23.89 -26.77 -15.96
N GLU B 281 -24.17 -27.97 -16.43
CA GLU B 281 -23.13 -29.01 -16.44
C GLU B 281 -22.09 -28.69 -17.49
N ALA B 282 -20.94 -28.19 -17.03
CA ALA B 282 -19.83 -27.89 -17.93
C ALA B 282 -19.34 -29.18 -18.59
N GLN B 283 -19.01 -29.08 -19.87
CA GLN B 283 -18.70 -30.26 -20.67
C GLN B 283 -17.45 -30.00 -21.50
N ASP B 284 -16.75 -31.08 -21.85
CA ASP B 284 -15.55 -30.97 -22.66
C ASP B 284 -15.86 -30.65 -24.13
N ALA B 285 -17.09 -30.86 -24.56
CA ALA B 285 -17.47 -30.56 -25.93
C ALA B 285 -18.28 -29.27 -26.08
N GLY B 286 -18.88 -28.78 -24.99
CA GLY B 286 -19.64 -27.56 -25.00
C GLY B 286 -21.13 -27.75 -25.17
N TYR B 287 -21.57 -28.94 -25.58
CA TYR B 287 -22.98 -29.25 -25.75
C TYR B 287 -23.14 -30.76 -25.84
N ARG B 288 -24.28 -31.27 -25.38
CA ARG B 288 -24.52 -32.71 -25.43
C ARG B 288 -26.01 -32.96 -25.30
N MET B 289 -26.62 -33.50 -26.35
CA MET B 289 -28.04 -33.81 -26.35
C MET B 289 -28.28 -35.15 -25.66
N TYR B 290 -29.55 -35.52 -25.55
CA TYR B 290 -29.95 -36.78 -24.94
C TYR B 290 -30.83 -37.56 -25.92
N ARG B 291 -31.43 -38.65 -25.43
CA ARG B 291 -32.23 -39.52 -26.28
C ARG B 291 -33.45 -38.78 -26.82
N LYS B 292 -33.77 -39.04 -28.08
CA LYS B 292 -34.89 -38.38 -28.72
C LYS B 292 -36.22 -38.91 -28.19
N SER B 293 -37.18 -38.00 -28.00
CA SER B 293 -38.51 -38.40 -27.56
C SER B 293 -39.25 -39.10 -28.69
N GLN B 294 -39.84 -40.26 -28.40
CA GLN B 294 -40.49 -41.04 -29.44
C GLN B 294 -41.77 -40.39 -29.93
N THR B 295 -42.37 -39.53 -29.12
CA THR B 295 -43.62 -38.88 -29.53
C THR B 295 -43.41 -37.97 -30.74
N THR B 296 -42.33 -37.18 -30.74
CA THR B 296 -42.09 -36.20 -31.79
C THR B 296 -40.77 -36.38 -32.53
N GLY B 297 -39.78 -37.05 -31.94
CA GLY B 297 -38.49 -37.21 -32.56
C GLY B 297 -37.45 -36.19 -32.14
N PHE B 298 -37.87 -35.06 -31.57
CA PHE B 298 -36.94 -34.07 -31.08
C PHE B 298 -36.27 -34.53 -29.78
N PRO B 299 -35.06 -34.05 -29.51
CA PRO B 299 -34.45 -34.34 -28.21
C PRO B 299 -35.18 -33.61 -27.10
N SER B 300 -35.06 -34.15 -25.88
CA SER B 300 -35.81 -33.67 -24.75
C SER B 300 -35.01 -32.85 -23.75
N LEU B 301 -33.69 -32.76 -23.90
CA LEU B 301 -32.88 -31.96 -22.98
C LEU B 301 -31.56 -31.65 -23.65
N ILE B 302 -31.21 -30.37 -23.73
CA ILE B 302 -29.96 -29.92 -24.33
C ILE B 302 -29.24 -29.05 -23.30
N THR B 303 -27.96 -29.33 -23.08
CA THR B 303 -27.15 -28.59 -22.12
C THR B 303 -26.15 -27.73 -22.86
N ILE B 304 -26.10 -26.44 -22.52
CA ILE B 304 -25.26 -25.46 -23.18
C ILE B 304 -24.26 -24.92 -22.17
N PHE B 305 -22.99 -24.86 -22.56
CA PHE B 305 -21.95 -24.23 -21.77
C PHE B 305 -21.16 -23.30 -22.69
N SER B 306 -20.98 -22.06 -22.26
CA SER B 306 -20.41 -21.04 -23.14
C SER B 306 -19.34 -20.22 -22.41
N ALA B 307 -18.40 -20.90 -21.76
CA ALA B 307 -17.26 -20.25 -21.13
C ALA B 307 -16.02 -21.12 -21.33
N PRO B 308 -15.20 -20.83 -22.33
CA PRO B 308 -14.02 -21.66 -22.58
C PRO B 308 -13.00 -21.56 -21.47
N ASN B 309 -12.30 -22.67 -21.24
CA ASN B 309 -11.26 -22.78 -20.21
C ASN B 309 -11.80 -22.40 -18.82
N TYR B 310 -12.87 -23.10 -18.43
CA TYR B 310 -13.46 -22.85 -17.12
C TYR B 310 -12.44 -23.12 -16.02
N LEU B 311 -12.26 -22.15 -15.13
CA LEU B 311 -11.27 -22.19 -14.05
C LEU B 311 -9.85 -22.40 -14.56
N ASP B 312 -9.62 -22.23 -15.86
CA ASP B 312 -8.29 -22.35 -16.46
C ASP B 312 -7.68 -23.73 -16.21
N VAL B 313 -8.55 -24.74 -16.08
CA VAL B 313 -8.09 -26.09 -15.79
C VAL B 313 -8.66 -27.07 -16.82
N TYR B 314 -9.97 -27.01 -17.04
CA TYR B 314 -10.63 -28.00 -17.88
C TYR B 314 -10.08 -28.00 -19.30
N ASN B 315 -9.80 -26.82 -19.85
CA ASN B 315 -9.30 -26.67 -21.22
C ASN B 315 -10.29 -27.29 -22.21
N ASN B 316 -11.49 -26.72 -22.20
CA ASN B 316 -12.58 -27.17 -23.05
C ASN B 316 -13.02 -26.05 -23.98
N LYS B 317 -13.71 -26.44 -25.05
CA LYS B 317 -14.32 -25.46 -25.93
C LYS B 317 -15.66 -24.99 -25.36
N ALA B 318 -16.33 -24.11 -26.08
CA ALA B 318 -17.63 -23.61 -25.70
C ALA B 318 -18.57 -23.71 -26.90
N ALA B 319 -19.80 -23.23 -26.72
CA ALA B 319 -20.77 -23.32 -27.81
C ALA B 319 -21.85 -22.27 -27.60
N VAL B 320 -22.57 -21.98 -28.68
CA VAL B 320 -23.72 -21.09 -28.66
C VAL B 320 -24.74 -21.62 -29.65
N LEU B 321 -25.98 -21.74 -29.21
CA LEU B 321 -27.02 -22.38 -30.00
C LEU B 321 -27.80 -21.35 -30.79
N LYS B 322 -28.06 -21.66 -32.07
CA LYS B 322 -28.80 -20.79 -32.95
C LYS B 322 -30.08 -21.50 -33.39
N TYR B 323 -31.13 -20.73 -33.64
CA TYR B 323 -32.44 -21.29 -33.95
C TYR B 323 -33.12 -20.40 -34.98
N GLU B 324 -33.41 -20.96 -36.15
CA GLU B 324 -34.10 -20.22 -37.20
C GLU B 324 -34.61 -21.19 -38.26
N ASN B 325 -35.75 -20.86 -38.85
CA ASN B 325 -36.32 -21.58 -39.99
C ASN B 325 -36.50 -23.07 -39.69
N ASN B 326 -36.90 -23.37 -38.46
CA ASN B 326 -37.13 -24.75 -38.00
C ASN B 326 -35.87 -25.60 -38.22
N VAL B 327 -34.70 -25.00 -38.02
CA VAL B 327 -33.42 -25.69 -38.12
C VAL B 327 -32.65 -25.41 -36.84
N MET B 328 -32.23 -26.47 -36.15
CA MET B 328 -31.54 -26.36 -34.88
C MET B 328 -30.09 -26.75 -35.11
N ASN B 329 -29.25 -25.77 -35.41
CA ASN B 329 -27.83 -25.98 -35.63
C ASN B 329 -27.03 -25.38 -34.47
N ILE B 330 -25.86 -25.95 -34.22
CA ILE B 330 -25.04 -25.60 -33.07
C ILE B 330 -23.65 -25.19 -33.54
N ARG B 331 -23.19 -24.04 -33.05
CA ARG B 331 -21.91 -23.46 -33.45
C ARG B 331 -20.93 -23.54 -32.30
N GLN B 332 -19.68 -23.84 -32.62
CA GLN B 332 -18.64 -23.99 -31.62
C GLN B 332 -17.94 -22.66 -31.38
N PHE B 333 -16.81 -22.70 -30.66
CA PHE B 333 -16.27 -21.50 -30.05
C PHE B 333 -14.79 -21.72 -29.75
N ASN B 334 -14.09 -20.63 -29.44
CA ASN B 334 -12.65 -20.70 -29.19
C ASN B 334 -12.26 -20.04 -27.88
N CYS B 335 -10.96 -19.89 -27.64
CA CYS B 335 -10.43 -19.27 -26.43
C CYS B 335 -9.96 -17.84 -26.73
N SER B 336 -9.42 -17.18 -25.71
CA SER B 336 -8.90 -15.82 -25.83
C SER B 336 -8.09 -15.50 -24.57
N PRO B 337 -7.07 -14.66 -24.68
CA PRO B 337 -6.25 -14.31 -23.52
C PRO B 337 -6.78 -13.07 -22.79
N HIS B 338 -6.26 -12.87 -21.59
CA HIS B 338 -6.66 -11.74 -20.76
C HIS B 338 -5.56 -11.47 -19.74
N PRO B 339 -5.52 -10.25 -19.15
CA PRO B 339 -4.42 -9.89 -18.25
C PRO B 339 -4.41 -10.65 -16.93
N TYR B 340 -3.48 -10.31 -16.05
CA TYR B 340 -3.22 -11.06 -14.82
C TYR B 340 -3.55 -10.23 -13.59
N TRP B 341 -4.06 -10.91 -12.56
CA TRP B 341 -4.27 -10.33 -11.25
C TRP B 341 -3.82 -11.33 -10.19
N LEU B 342 -3.46 -10.81 -9.03
CA LEU B 342 -3.10 -11.68 -7.92
C LEU B 342 -4.35 -12.27 -7.29
N PRO B 343 -4.22 -13.40 -6.61
CA PRO B 343 -5.40 -13.97 -5.94
C PRO B 343 -5.91 -13.04 -4.85
N ASN B 344 -7.24 -12.93 -4.79
CA ASN B 344 -7.93 -12.11 -3.80
C ASN B 344 -7.50 -10.64 -3.86
N PHE B 345 -6.98 -10.19 -5.01
CA PHE B 345 -6.72 -8.78 -5.28
C PHE B 345 -5.77 -8.17 -4.25
N MET B 346 -4.54 -8.66 -4.23
CA MET B 346 -3.53 -8.11 -3.34
C MET B 346 -2.84 -6.91 -3.99
N ASP B 347 -1.88 -6.34 -3.26
CA ASP B 347 -0.95 -5.37 -3.77
C ASP B 347 0.44 -5.75 -3.29
N VAL B 348 1.46 -5.40 -4.07
CA VAL B 348 2.78 -6.01 -3.88
C VAL B 348 3.34 -5.73 -2.48
N PHE B 349 2.92 -4.65 -1.84
CA PHE B 349 3.43 -4.36 -0.50
C PHE B 349 2.94 -5.40 0.51
N THR B 350 1.63 -5.65 0.55
CA THR B 350 1.10 -6.73 1.37
C THR B 350 1.50 -8.09 0.85
N TRP B 351 1.88 -8.17 -0.43
CA TRP B 351 2.33 -9.43 -1.01
C TRP B 351 3.70 -9.84 -0.50
N SER B 352 4.62 -8.87 -0.34
CA SER B 352 6.01 -9.20 -0.05
C SER B 352 6.59 -8.41 1.12
N LEU B 353 5.77 -7.97 2.07
CA LEU B 353 6.38 -7.49 3.30
C LEU B 353 6.76 -8.62 4.27
N PRO B 354 5.88 -9.63 4.50
CA PRO B 354 6.25 -10.68 5.48
C PRO B 354 7.26 -11.70 4.96
N PHE B 355 7.90 -11.40 3.84
CA PHE B 355 9.12 -12.10 3.44
C PHE B 355 10.36 -11.26 3.72
N VAL B 356 10.28 -9.96 3.45
CA VAL B 356 11.37 -9.05 3.78
C VAL B 356 11.63 -9.09 5.28
N GLY B 357 10.57 -9.11 6.08
CA GLY B 357 10.76 -9.14 7.52
C GLY B 357 11.56 -10.35 7.98
N GLU B 358 11.15 -11.53 7.52
CA GLU B 358 11.84 -12.75 7.92
C GLU B 358 13.28 -12.76 7.44
N LYS B 359 13.53 -12.35 6.19
CA LYS B 359 14.89 -12.38 5.68
C LYS B 359 15.81 -11.43 6.46
N VAL B 360 15.33 -10.21 6.72
CA VAL B 360 16.16 -9.25 7.45
C VAL B 360 16.47 -9.76 8.86
N THR B 361 15.45 -10.24 9.57
CA THR B 361 15.70 -10.72 10.93
C THR B 361 16.66 -11.90 10.95
N GLU B 362 16.50 -12.84 10.00
CA GLU B 362 17.41 -13.98 9.96
C GLU B 362 18.84 -13.54 9.70
N MET B 363 19.04 -12.62 8.76
CA MET B 363 20.41 -12.17 8.48
C MET B 363 21.02 -11.47 9.69
N LEU B 364 20.24 -10.62 10.37
CA LEU B 364 20.80 -9.91 11.52
C LEU B 364 21.16 -10.87 12.64
N VAL B 365 20.28 -11.84 12.93
CA VAL B 365 20.60 -12.79 13.98
C VAL B 365 21.81 -13.64 13.60
N ASN B 366 21.99 -13.91 12.31
CA ASN B 366 23.14 -14.70 11.90
C ASN B 366 24.44 -13.90 11.96
N VAL B 367 24.40 -12.59 11.75
CA VAL B 367 25.62 -11.79 11.71
C VAL B 367 26.03 -11.26 13.08
N LEU B 368 25.10 -10.94 13.97
CA LEU B 368 25.46 -10.39 15.27
C LEU B 368 25.93 -11.45 16.26
N ASN B 369 25.83 -12.73 15.93
CA ASN B 369 26.25 -13.78 16.85
C ASN B 369 27.61 -14.35 16.46
N GLY C 2 -0.47 -33.38 11.84
CA GLY C 2 0.79 -32.98 11.24
C GLY C 2 0.75 -32.99 9.72
N VAL C 3 1.59 -33.83 9.12
CA VAL C 3 1.65 -33.98 7.67
C VAL C 3 1.26 -35.40 7.32
N GLN C 4 0.39 -35.55 6.33
CA GLN C 4 -0.12 -36.84 5.90
C GLN C 4 0.02 -36.97 4.40
N VAL C 5 0.05 -38.21 3.92
CA VAL C 5 0.12 -38.48 2.49
C VAL C 5 -0.93 -39.54 2.17
N GLU C 6 -1.78 -39.24 1.18
CA GLU C 6 -2.80 -40.18 0.71
C GLU C 6 -2.71 -40.24 -0.80
N THR C 7 -1.96 -41.20 -1.32
CA THR C 7 -1.66 -41.24 -2.74
C THR C 7 -2.93 -41.46 -3.56
N ILE C 8 -3.02 -40.75 -4.68
CA ILE C 8 -4.15 -40.86 -5.59
C ILE C 8 -3.83 -41.78 -6.76
N SER C 9 -2.69 -41.55 -7.42
CA SER C 9 -2.28 -42.35 -8.57
C SER C 9 -0.76 -42.42 -8.58
N PRO C 10 -0.18 -43.46 -8.01
CA PRO C 10 1.29 -43.55 -7.95
C PRO C 10 1.91 -43.99 -9.27
N GLY C 11 3.22 -44.20 -9.25
CA GLY C 11 3.94 -44.63 -10.42
C GLY C 11 5.26 -45.28 -10.03
N ASP C 12 6.29 -44.95 -10.80
CA ASP C 12 7.62 -45.46 -10.50
C ASP C 12 8.15 -44.85 -9.20
N GLY C 13 8.94 -45.63 -8.48
CA GLY C 13 9.49 -45.18 -7.21
C GLY C 13 10.96 -45.51 -7.05
N ARG C 14 11.69 -45.57 -8.15
CA ARG C 14 13.11 -45.88 -8.08
C ARG C 14 13.94 -44.68 -7.63
N THR C 15 13.56 -43.47 -8.05
CA THR C 15 14.34 -42.27 -7.81
C THR C 15 13.71 -41.42 -6.72
N PHE C 16 14.51 -41.00 -5.75
CA PHE C 16 14.05 -40.17 -4.64
C PHE C 16 14.84 -38.87 -4.62
N PRO C 17 14.24 -37.80 -4.10
CA PRO C 17 14.95 -36.52 -4.01
C PRO C 17 16.16 -36.61 -3.09
N LYS C 18 17.17 -35.80 -3.40
CA LYS C 18 18.42 -35.81 -2.64
C LYS C 18 18.34 -34.80 -1.50
N ARG C 19 19.47 -34.55 -0.84
CA ARG C 19 19.49 -33.68 0.33
C ARG C 19 19.37 -32.21 -0.04
N GLY C 20 20.04 -31.78 -1.11
CA GLY C 20 20.07 -30.37 -1.44
C GLY C 20 19.85 -30.05 -2.90
N GLN C 21 19.11 -30.90 -3.60
CA GLN C 21 18.78 -30.64 -5.00
C GLN C 21 17.46 -29.85 -5.05
N THR C 22 17.11 -29.35 -6.23
CA THR C 22 15.92 -28.53 -6.41
C THR C 22 14.89 -29.31 -7.22
N CYS C 23 13.66 -29.34 -6.73
CA CYS C 23 12.56 -30.03 -7.39
C CYS C 23 11.69 -29.06 -8.16
N VAL C 24 10.93 -29.60 -9.10
CA VAL C 24 9.95 -28.82 -9.86
C VAL C 24 8.59 -29.49 -9.71
N VAL C 25 7.58 -28.72 -9.31
CA VAL C 25 6.28 -29.25 -8.96
C VAL C 25 5.19 -28.44 -9.65
N HIS C 26 4.00 -29.04 -9.74
CA HIS C 26 2.78 -28.35 -10.13
C HIS C 26 1.73 -28.62 -9.07
N TYR C 27 1.22 -27.55 -8.45
CA TYR C 27 0.36 -27.70 -7.30
C TYR C 27 -0.87 -26.84 -7.44
N THR C 28 -1.95 -27.25 -6.77
CA THR C 28 -3.25 -26.58 -6.85
C THR C 28 -3.81 -26.45 -5.43
N GLY C 29 -3.51 -25.34 -4.76
CA GLY C 29 -3.91 -25.17 -3.39
C GLY C 29 -5.42 -25.22 -3.21
N MET C 30 -5.83 -25.52 -1.98
CA MET C 30 -7.24 -25.61 -1.63
C MET C 30 -7.40 -25.24 -0.16
N LEU C 31 -8.63 -25.34 0.33
CA LEU C 31 -8.90 -25.37 1.76
C LEU C 31 -9.73 -26.61 2.08
N GLU C 32 -10.18 -26.70 3.33
CA GLU C 32 -10.81 -27.93 3.80
C GLU C 32 -12.10 -28.22 3.04
N ASP C 33 -12.87 -27.19 2.70
CA ASP C 33 -14.19 -27.37 2.11
C ASP C 33 -14.17 -27.37 0.59
N GLY C 34 -13.00 -27.20 -0.04
CA GLY C 34 -12.89 -27.30 -1.48
C GLY C 34 -12.68 -26.00 -2.23
N LYS C 35 -12.85 -24.84 -1.59
CA LYS C 35 -12.57 -23.58 -2.25
C LYS C 35 -11.08 -23.49 -2.59
N LYS C 36 -10.78 -23.06 -3.80
CA LYS C 36 -9.40 -22.95 -4.25
C LYS C 36 -8.96 -21.49 -4.17
N PHE C 37 -7.67 -21.29 -3.87
CA PHE C 37 -7.12 -19.95 -3.69
C PHE C 37 -5.83 -19.71 -4.44
N ASP C 38 -5.27 -20.71 -5.11
CA ASP C 38 -4.05 -20.54 -5.89
C ASP C 38 -3.88 -21.74 -6.80
N SER C 39 -2.99 -21.62 -7.77
CA SER C 39 -2.66 -22.71 -8.66
C SER C 39 -1.33 -22.44 -9.33
N SER C 40 -0.69 -23.50 -9.82
CA SER C 40 0.46 -23.38 -10.71
C SER C 40 0.07 -23.58 -12.16
N ARG C 41 -1.23 -23.66 -12.44
CA ARG C 41 -1.73 -23.66 -13.79
C ARG C 41 -2.45 -22.37 -14.13
N ASP C 42 -2.81 -21.56 -13.13
CA ASP C 42 -3.21 -20.18 -13.36
C ASP C 42 -2.18 -19.47 -14.22
N ARG C 43 -0.95 -19.39 -13.73
CA ARG C 43 0.19 -19.02 -14.57
C ARG C 43 0.77 -20.28 -15.19
N ASN C 44 1.42 -20.12 -16.34
CA ASN C 44 1.98 -21.27 -17.05
C ASN C 44 3.46 -21.47 -16.73
N LYS C 45 3.82 -21.56 -15.45
CA LYS C 45 5.20 -21.82 -15.08
C LYS C 45 5.21 -22.58 -13.75
N PRO C 46 6.06 -23.60 -13.62
CA PRO C 46 6.03 -24.41 -12.39
C PRO C 46 6.62 -23.71 -11.19
N PHE C 47 6.71 -24.42 -10.07
CA PHE C 47 7.30 -23.93 -8.83
C PHE C 47 8.62 -24.63 -8.57
N LYS C 48 9.60 -23.88 -8.07
CA LYS C 48 10.89 -24.43 -7.71
C LYS C 48 11.26 -23.96 -6.30
N PHE C 49 11.92 -24.85 -5.56
CA PHE C 49 12.32 -24.56 -4.19
C PHE C 49 13.43 -25.52 -3.79
N MET C 50 14.32 -25.05 -2.93
CA MET C 50 15.47 -25.83 -2.50
C MET C 50 15.12 -26.60 -1.24
N LEU C 51 15.09 -27.93 -1.34
CA LEU C 51 14.78 -28.77 -0.20
C LEU C 51 15.88 -28.67 0.86
N GLY C 52 15.46 -28.64 2.12
CA GLY C 52 16.39 -28.61 3.23
C GLY C 52 16.60 -27.26 3.86
N LYS C 53 16.29 -26.17 3.16
CA LYS C 53 16.37 -24.83 3.70
C LYS C 53 14.97 -24.31 3.98
N GLN C 54 14.88 -23.32 4.86
CA GLN C 54 13.59 -22.89 5.40
C GLN C 54 13.05 -21.72 4.58
N GLU C 55 12.77 -21.99 3.31
CA GLU C 55 12.04 -21.04 2.48
C GLU C 55 10.68 -21.56 2.04
N VAL C 56 10.30 -22.77 2.46
CA VAL C 56 8.95 -23.28 2.31
C VAL C 56 8.47 -23.72 3.68
N ILE C 57 7.15 -23.74 3.87
CA ILE C 57 6.60 -24.16 5.15
C ILE C 57 7.02 -25.59 5.43
N ARG C 58 7.17 -25.92 6.72
CA ARG C 58 7.78 -27.18 7.12
C ARG C 58 6.98 -28.39 6.67
N GLY C 59 5.67 -28.26 6.47
CA GLY C 59 4.88 -29.40 6.03
C GLY C 59 5.36 -29.95 4.70
N TRP C 60 5.63 -29.07 3.74
CA TRP C 60 6.21 -29.50 2.47
C TRP C 60 7.56 -30.17 2.69
N GLU C 61 8.43 -29.52 3.47
CA GLU C 61 9.79 -30.02 3.66
C GLU C 61 9.81 -31.39 4.34
N GLU C 62 8.77 -31.74 5.09
CA GLU C 62 8.68 -33.07 5.70
C GLU C 62 7.90 -34.06 4.85
N GLY C 63 7.02 -33.60 3.97
CA GLY C 63 6.19 -34.51 3.21
C GLY C 63 6.67 -34.83 1.81
N VAL C 64 7.12 -33.83 1.06
CA VAL C 64 7.45 -34.03 -0.35
C VAL C 64 8.60 -35.01 -0.54
N ALA C 65 9.44 -35.20 0.49
CA ALA C 65 10.57 -36.10 0.37
C ALA C 65 10.15 -37.55 0.22
N GLN C 66 8.93 -37.90 0.63
CA GLN C 66 8.49 -39.29 0.53
C GLN C 66 8.17 -39.70 -0.91
N MET C 67 7.61 -38.78 -1.69
CA MET C 67 7.19 -39.12 -3.04
C MET C 67 8.39 -39.19 -3.98
N SER C 68 8.15 -39.71 -5.18
CA SER C 68 9.19 -39.90 -6.18
C SER C 68 8.80 -39.20 -7.48
N VAL C 69 9.54 -39.49 -8.55
CA VAL C 69 9.26 -38.86 -9.84
C VAL C 69 7.90 -39.31 -10.36
N GLY C 70 7.08 -38.35 -10.78
CA GLY C 70 5.83 -38.62 -11.43
C GLY C 70 4.72 -39.23 -10.59
N GLN C 71 4.57 -38.77 -9.36
CA GLN C 71 3.45 -39.17 -8.51
C GLN C 71 2.64 -37.96 -8.09
N ARG C 72 1.32 -38.13 -8.09
CA ARG C 72 0.39 -37.18 -7.52
C ARG C 72 0.03 -37.65 -6.11
N ALA C 73 -0.53 -36.75 -5.32
CA ALA C 73 -0.83 -37.05 -3.93
C ALA C 73 -1.96 -36.16 -3.46
N LYS C 74 -2.22 -36.19 -2.16
CA LYS C 74 -3.16 -35.26 -1.54
C LYS C 74 -2.69 -35.03 -0.11
N LEU C 75 -1.88 -34.00 0.07
CA LEU C 75 -1.31 -33.73 1.37
C LEU C 75 -2.38 -33.21 2.33
N THR C 76 -1.97 -33.01 3.58
CA THR C 76 -2.85 -32.44 4.60
C THR C 76 -1.94 -31.79 5.63
N ILE C 77 -1.90 -30.47 5.65
CA ILE C 77 -1.00 -29.73 6.52
C ILE C 77 -1.82 -29.25 7.71
N SER C 78 -1.54 -29.81 8.89
CA SER C 78 -2.18 -29.38 10.11
C SER C 78 -1.69 -27.97 10.47
N PRO C 79 -2.39 -27.27 11.38
CA PRO C 79 -2.00 -25.90 11.69
C PRO C 79 -0.61 -25.76 12.29
N ASP C 80 0.00 -26.82 12.79
CA ASP C 80 1.35 -26.71 13.36
C ASP C 80 2.38 -26.40 12.28
N TYR C 81 2.52 -27.29 11.30
CA TYR C 81 3.49 -27.09 10.23
C TYR C 81 2.99 -26.09 9.18
N ALA C 82 1.72 -25.71 9.24
CA ALA C 82 1.15 -24.74 8.31
C ALA C 82 1.47 -23.33 8.80
N TYR C 83 0.81 -22.34 8.20
CA TYR C 83 1.08 -20.95 8.51
C TYR C 83 0.83 -20.59 9.98
N GLY C 84 0.16 -21.45 10.74
CA GLY C 84 0.05 -21.26 12.16
C GLY C 84 -0.99 -20.23 12.56
N ALA C 85 -0.98 -19.89 13.85
CA ALA C 85 -1.96 -18.97 14.39
C ALA C 85 -1.82 -17.58 13.77
N THR C 86 -0.59 -17.17 13.46
CA THR C 86 -0.40 -15.87 12.83
C THR C 86 -0.98 -15.83 11.43
N GLY C 87 -0.90 -16.94 10.69
CA GLY C 87 -1.47 -17.01 9.36
C GLY C 87 -0.81 -16.06 8.38
N HIS C 88 -1.59 -15.64 7.39
CA HIS C 88 -1.16 -14.70 6.37
C HIS C 88 -2.26 -13.67 6.15
N PRO C 89 -1.89 -12.41 5.86
CA PRO C 89 -2.91 -11.37 5.69
C PRO C 89 -3.47 -11.37 4.28
N GLY C 90 -4.78 -11.61 4.17
CA GLY C 90 -5.49 -11.50 2.92
C GLY C 90 -5.98 -12.81 2.32
N ILE C 91 -5.40 -13.95 2.73
CA ILE C 91 -5.83 -15.22 2.15
C ILE C 91 -6.29 -16.19 3.22
N ILE C 92 -5.38 -16.58 4.11
CA ILE C 92 -5.57 -17.74 4.97
C ILE C 92 -5.94 -17.24 6.36
N PRO C 93 -7.13 -17.52 6.85
CA PRO C 93 -7.49 -17.14 8.22
C PRO C 93 -6.69 -17.94 9.23
N PRO C 94 -6.59 -17.46 10.47
CA PRO C 94 -5.84 -18.21 11.48
C PRO C 94 -6.46 -19.58 11.74
N HIS C 95 -5.60 -20.56 12.04
CA HIS C 95 -6.00 -21.93 12.33
C HIS C 95 -6.78 -22.53 11.15
N ALA C 96 -6.10 -22.63 10.01
CA ALA C 96 -6.72 -23.09 8.77
C ALA C 96 -5.96 -24.28 8.21
N THR C 97 -6.66 -25.38 8.00
CA THR C 97 -6.08 -26.55 7.36
C THR C 97 -5.93 -26.31 5.87
N LEU C 98 -4.96 -26.97 5.27
CA LEU C 98 -4.71 -26.87 3.84
C LEU C 98 -4.76 -28.26 3.22
N VAL C 99 -5.07 -28.30 1.92
CA VAL C 99 -5.10 -29.54 1.16
C VAL C 99 -4.52 -29.24 -0.22
N PHE C 100 -3.28 -29.65 -0.45
CA PHE C 100 -2.62 -29.39 -1.72
C PHE C 100 -2.92 -30.54 -2.69
N ASP C 101 -2.36 -30.44 -3.88
CA ASP C 101 -2.48 -31.47 -4.91
C ASP C 101 -1.14 -31.62 -5.62
N VAL C 102 -0.05 -31.52 -4.86
CA VAL C 102 1.27 -31.47 -5.45
C VAL C 102 1.56 -32.74 -6.24
N GLU C 103 2.15 -32.58 -7.42
CA GLU C 103 2.49 -33.70 -8.28
C GLU C 103 3.88 -33.48 -8.83
N LEU C 104 4.88 -34.10 -8.21
CA LEU C 104 6.26 -33.92 -8.64
C LEU C 104 6.41 -34.30 -10.11
N LEU C 105 7.19 -33.50 -10.83
CA LEU C 105 7.26 -33.66 -12.28
C LEU C 105 8.65 -34.12 -12.73
N LYS C 106 9.67 -33.35 -12.37
CA LYS C 106 11.04 -33.68 -12.76
C LYS C 106 11.96 -33.41 -11.58
N LEU C 107 13.15 -34.01 -11.63
CA LEU C 107 14.17 -33.79 -10.63
C LEU C 107 15.45 -33.33 -11.31
N GLU C 108 16.01 -32.23 -10.82
CA GLU C 108 17.20 -31.65 -11.42
C GLU C 108 18.46 -32.11 -10.70
#